data_6FH1
#
_entry.id   6FH1
#
_cell.length_a   50.720
_cell.length_b   83.410
_cell.length_c   97.780
_cell.angle_alpha   90.00
_cell.angle_beta   98.90
_cell.angle_gamma   90.00
#
_symmetry.space_group_name_H-M   'P 1 21 1'
#
loop_
_entity.id
_entity.type
_entity.pdbx_description
1 polymer 'Protein-arginine kinase'
2 non-polymer 'FORMIC ACID'
3 non-polymer 1,2-ETHANEDIOL
4 non-polymer IMIDAZOLE
5 water water
#
_entity_poly.entity_id   1
_entity_poly.type   'polypeptide(L)'
_entity_poly.pdbx_seq_one_letter_code
;MASMSFGKFFNTAVSAWMSQEGPNSDIVLSSRIRLARNIVDFRFPTLFSSEEAKQIVALFERAFVHRPYGEAGRFELLKM
SELQPIEKRVLVEKHLISPHLAEDSPFGACLLSENEEISIMINEEDHIRIQCLFPGLQLAEALEAASELDDWIEGHVNYA
FDERLGYLTSCPTNVGTGLRASVMMHLPALVLTQQINRIIPAINQLGLVVRGTYGEGSEALGNIFQISNQITLGKSEEDI
VADLHTIVEQLIAQERAARQALVKTLGIQLEDKVFRSYGILANCRVIDSKEAAQCLSDVRLGIDLGYIKNVSRNILNELM
ILTQPGFLQQYAGGVLRPEERDVRRAALIRERLRMETRLEHHHHHH
;
_entity_poly.pdbx_strand_id   A,B
#
loop_
_chem_comp.id
_chem_comp.type
_chem_comp.name
_chem_comp.formula
EDO non-polymer 1,2-ETHANEDIOL 'C2 H6 O2'
FMT non-polymer 'FORMIC ACID' 'C H2 O2'
IMD non-polymer IMIDAZOLE 'C3 H5 N2 1'
#
# COMPACT_ATOMS: atom_id res chain seq x y z
N GLY A 7 3.72 -29.17 -19.43
CA GLY A 7 3.89 -30.23 -18.45
C GLY A 7 2.85 -30.18 -17.34
N LYS A 8 2.13 -31.28 -17.15
CA LYS A 8 1.06 -31.35 -16.15
C LYS A 8 1.46 -30.90 -14.74
N PHE A 9 2.57 -31.43 -14.28
CA PHE A 9 3.11 -31.18 -12.98
C PHE A 9 3.80 -29.83 -12.82
N PHE A 10 4.05 -29.15 -13.93
CA PHE A 10 4.70 -27.87 -13.93
C PHE A 10 3.76 -26.72 -14.22
N ASN A 11 2.50 -26.98 -14.49
CA ASN A 11 1.54 -25.93 -14.83
C ASN A 11 1.09 -25.16 -13.60
N THR A 12 0.78 -25.86 -12.52
CA THR A 12 0.07 -25.29 -11.38
C THR A 12 1.01 -25.17 -10.18
N ALA A 13 0.76 -24.14 -9.37
CA ALA A 13 1.51 -23.99 -8.13
C ALA A 13 1.03 -24.98 -7.08
N VAL A 14 -0.29 -25.17 -6.97
CA VAL A 14 -0.89 -26.06 -5.99
C VAL A 14 -1.86 -26.98 -6.72
N SER A 15 -1.70 -28.28 -6.51
CA SER A 15 -2.53 -29.27 -7.19
C SER A 15 -3.99 -29.17 -6.71
N ALA A 16 -4.89 -29.79 -7.49
CA ALA A 16 -6.28 -29.89 -7.05
C ALA A 16 -6.38 -30.65 -5.73
N TRP A 17 -5.58 -31.70 -5.58
CA TRP A 17 -5.54 -32.46 -4.34
C TRP A 17 -5.22 -31.56 -3.15
N MET A 18 -4.17 -30.74 -3.28
CA MET A 18 -3.71 -29.88 -2.20
CA MET A 18 -3.73 -29.89 -2.19
C MET A 18 -4.58 -28.64 -2.02
N SER A 19 -5.41 -28.31 -3.00
CA SER A 19 -6.30 -27.16 -2.88
C SER A 19 -7.58 -27.48 -2.12
N GLN A 20 -7.86 -28.77 -1.86
CA GLN A 20 -8.98 -29.13 -1.01
C GLN A 20 -8.85 -28.49 0.37
N GLU A 21 -10.00 -28.20 1.01
CA GLU A 21 -9.97 -27.71 2.38
C GLU A 21 -9.83 -28.88 3.34
N GLY A 22 -8.85 -28.80 4.24
CA GLY A 22 -8.64 -29.81 5.25
C GLY A 22 -8.91 -29.27 6.63
N PRO A 23 -8.80 -30.13 7.65
CA PRO A 23 -9.03 -29.68 9.03
C PRO A 23 -8.08 -28.57 9.44
N ASN A 24 -8.64 -27.51 10.05
CA ASN A 24 -7.84 -26.38 10.54
C ASN A 24 -7.01 -25.74 9.44
N SER A 25 -7.55 -25.72 8.22
CA SER A 25 -6.83 -25.20 7.07
C SER A 25 -6.62 -23.70 7.11
N ASP A 26 -7.22 -22.99 8.06
CA ASP A 26 -6.94 -21.57 8.16
C ASP A 26 -5.52 -21.32 8.66
N ILE A 27 -5.06 -22.15 9.59
CA ILE A 27 -3.73 -22.01 10.18
CA ILE A 27 -3.73 -22.00 10.16
C ILE A 27 -2.74 -23.04 9.64
N VAL A 28 -3.18 -24.29 9.47
CA VAL A 28 -2.30 -25.35 8.99
C VAL A 28 -2.44 -25.46 7.48
N LEU A 29 -1.36 -25.11 6.76
CA LEU A 29 -1.41 -25.22 5.31
C LEU A 29 -1.39 -26.67 4.84
N SER A 30 -0.54 -27.50 5.43
CA SER A 30 -0.36 -28.87 4.93
C SER A 30 0.31 -29.72 6.00
N SER A 31 0.19 -31.05 5.82
CA SER A 31 0.83 -32.08 6.62
C SER A 31 1.64 -32.98 5.69
N ARG A 32 2.79 -33.46 6.16
N ARG A 32 2.76 -33.46 6.18
CA ARG A 32 3.68 -34.26 5.35
CA ARG A 32 3.66 -34.27 5.40
C ARG A 32 4.24 -35.42 6.17
C ARG A 32 4.31 -35.42 6.16
N ILE A 33 4.27 -36.60 5.57
CA ILE A 33 4.99 -37.76 6.11
C ILE A 33 6.05 -38.14 5.09
N ARG A 34 7.29 -38.27 5.55
CA ARG A 34 8.41 -38.71 4.72
C ARG A 34 9.04 -39.94 5.34
N LEU A 35 9.29 -40.97 4.53
CA LEU A 35 9.89 -42.22 4.98
C LEU A 35 11.13 -42.53 4.16
N ALA A 36 12.29 -42.62 4.81
CA ALA A 36 13.57 -42.86 4.14
C ALA A 36 13.97 -44.32 4.25
N ARG A 37 14.42 -44.90 3.13
CA ARG A 37 14.90 -46.27 3.10
C ARG A 37 16.02 -46.41 2.09
N ASN A 38 16.85 -47.42 2.31
CA ASN A 38 17.88 -47.81 1.36
C ASN A 38 17.66 -49.26 0.97
N ILE A 39 18.18 -49.62 -0.22
CA ILE A 39 17.91 -50.89 -0.89
C ILE A 39 19.09 -51.82 -0.67
N VAL A 40 18.81 -53.08 -0.37
CA VAL A 40 19.90 -54.03 -0.11
C VAL A 40 20.73 -54.24 -1.38
N ASP A 41 22.04 -54.42 -1.18
CA ASP A 41 23.03 -54.76 -2.20
C ASP A 41 23.39 -53.58 -3.10
N PHE A 42 23.00 -52.36 -2.73
CA PHE A 42 23.49 -51.14 -3.34
C PHE A 42 24.17 -50.30 -2.27
N ARG A 43 25.30 -49.69 -2.61
CA ARG A 43 25.97 -48.81 -1.66
C ARG A 43 25.10 -47.59 -1.37
N PHE A 44 25.27 -47.02 -0.17
CA PHE A 44 24.59 -45.79 0.21
C PHE A 44 24.88 -44.67 -0.79
N PRO A 45 23.97 -43.70 -0.92
CA PRO A 45 24.23 -42.57 -1.84
C PRO A 45 25.53 -41.83 -1.54
N THR A 46 25.99 -41.82 -0.30
CA THR A 46 27.27 -41.20 0.03
C THR A 46 28.45 -41.91 -0.66
N LEU A 47 28.28 -43.17 -1.07
CA LEU A 47 29.39 -43.96 -1.60
C LEU A 47 29.15 -44.53 -2.99
N PHE A 48 27.92 -44.53 -3.49
CA PHE A 48 27.69 -45.33 -4.69
C PHE A 48 28.18 -44.62 -5.95
N SER A 49 28.26 -45.39 -7.02
CA SER A 49 28.66 -44.92 -8.34
C SER A 49 27.45 -44.46 -9.12
N SER A 50 27.72 -43.71 -10.20
CA SER A 50 26.62 -43.29 -11.05
C SER A 50 25.98 -44.48 -11.76
N GLU A 51 26.73 -45.56 -11.99
CA GLU A 51 26.11 -46.75 -12.55
C GLU A 51 25.18 -47.41 -11.55
N GLU A 52 25.56 -47.43 -10.26
CA GLU A 52 24.65 -47.92 -9.23
C GLU A 52 23.38 -47.07 -9.18
N ALA A 53 23.54 -45.74 -9.18
CA ALA A 53 22.40 -44.84 -9.20
C ALA A 53 21.47 -45.15 -10.36
N LYS A 54 22.03 -45.35 -11.56
CA LYS A 54 21.21 -45.68 -12.72
C LYS A 54 20.47 -47.00 -12.54
N GLN A 55 21.12 -47.99 -11.91
CA GLN A 55 20.49 -49.29 -11.69
C GLN A 55 19.30 -49.18 -10.76
N ILE A 56 19.40 -48.30 -9.76
CA ILE A 56 18.29 -48.07 -8.84
C ILE A 56 17.11 -47.43 -9.57
N VAL A 57 17.39 -46.41 -10.39
CA VAL A 57 16.34 -45.81 -11.21
C VAL A 57 15.70 -46.84 -12.13
N ALA A 58 16.52 -47.71 -12.75
CA ALA A 58 15.99 -48.74 -13.64
C ALA A 58 15.15 -49.76 -12.87
N LEU A 59 15.55 -50.08 -11.64
CA LEU A 59 14.76 -50.96 -10.80
C LEU A 59 13.37 -50.38 -10.52
N PHE A 60 13.32 -49.09 -10.19
CA PHE A 60 12.03 -48.46 -9.91
C PHE A 60 11.21 -48.28 -11.17
N GLU A 61 11.85 -48.00 -12.30
CA GLU A 61 11.11 -47.88 -13.55
C GLU A 61 10.48 -49.21 -13.93
N ARG A 62 11.24 -50.30 -13.80
CA ARG A 62 10.74 -51.63 -14.13
C ARG A 62 9.51 -51.97 -13.30
N ALA A 63 9.55 -51.65 -12.02
CA ALA A 63 8.50 -52.10 -11.11
C ALA A 63 7.28 -51.17 -11.09
N PHE A 64 7.46 -49.87 -11.34
CA PHE A 64 6.41 -48.90 -10.99
C PHE A 64 5.99 -47.92 -12.07
N VAL A 65 6.78 -47.67 -13.12
CA VAL A 65 6.40 -46.62 -14.05
C VAL A 65 5.09 -46.98 -14.73
N HIS A 66 4.21 -45.99 -14.81
CA HIS A 66 2.88 -46.15 -15.32
C HIS A 66 2.00 -47.09 -14.51
N ARG A 67 2.48 -47.54 -13.37
CA ARG A 67 1.71 -48.43 -12.52
C ARG A 67 0.55 -47.75 -11.82
N PRO A 68 -0.63 -48.36 -11.82
CA PRO A 68 -1.72 -47.69 -11.15
C PRO A 68 -1.63 -47.76 -9.65
N TYR A 69 -2.04 -46.70 -8.98
CA TYR A 69 -2.10 -46.70 -7.55
C TYR A 69 -3.52 -46.35 -7.11
N GLY A 70 -4.47 -47.04 -7.69
CA GLY A 70 -5.87 -46.83 -7.32
C GLY A 70 -6.34 -45.44 -7.67
N GLU A 71 -7.09 -44.84 -6.74
CA GLU A 71 -7.66 -43.51 -6.95
C GLU A 71 -6.61 -42.42 -7.10
N ALA A 72 -5.38 -42.67 -6.64
CA ALA A 72 -4.32 -41.68 -6.84
C ALA A 72 -3.84 -41.62 -8.29
N GLY A 73 -4.32 -42.49 -9.17
CA GLY A 73 -3.86 -42.51 -10.54
C GLY A 73 -2.59 -43.31 -10.70
N ARG A 74 -2.01 -43.20 -11.90
CA ARG A 74 -0.77 -43.89 -12.22
C ARG A 74 0.43 -43.09 -11.77
N PHE A 75 1.55 -43.78 -11.58
CA PHE A 75 2.80 -43.15 -11.25
C PHE A 75 3.52 -42.72 -12.53
N GLU A 76 4.04 -41.50 -12.51
CA GLU A 76 4.92 -41.02 -13.58
C GLU A 76 6.32 -40.90 -13.03
N LEU A 77 7.30 -41.28 -13.82
CA LEU A 77 8.69 -41.23 -13.41
C LEU A 77 9.33 -40.03 -14.08
N LEU A 78 9.83 -39.10 -13.27
CA LEU A 78 10.53 -37.90 -13.75
C LEU A 78 12.00 -38.08 -13.42
N LYS A 79 12.82 -38.25 -14.44
CA LYS A 79 14.24 -38.48 -14.26
C LYS A 79 14.96 -37.15 -14.23
N MET A 80 15.80 -36.95 -13.21
CA MET A 80 16.56 -35.71 -13.18
C MET A 80 17.46 -35.59 -14.39
N SER A 81 17.91 -36.72 -14.94
CA SER A 81 18.76 -36.73 -16.12
C SER A 81 18.06 -36.24 -17.37
N GLU A 82 16.72 -36.16 -17.34
CA GLU A 82 15.94 -35.69 -18.48
C GLU A 82 15.32 -34.31 -18.27
N LEU A 83 15.51 -33.69 -17.10
CA LEU A 83 14.86 -32.43 -16.79
C LEU A 83 15.79 -31.24 -17.01
N GLN A 84 15.22 -30.14 -17.49
CA GLN A 84 15.93 -28.88 -17.53
C GLN A 84 16.02 -28.30 -16.12
N PRO A 85 17.05 -27.50 -15.84
CA PRO A 85 17.17 -26.92 -14.49
C PRO A 85 15.92 -26.17 -14.05
N ILE A 86 15.24 -25.47 -14.96
CA ILE A 86 14.06 -24.70 -14.58
C ILE A 86 12.91 -25.63 -14.19
N GLU A 87 12.78 -26.78 -14.86
CA GLU A 87 11.77 -27.75 -14.44
C GLU A 87 12.06 -28.26 -13.04
N LYS A 88 13.32 -28.57 -12.75
CA LYS A 88 13.70 -29.02 -11.41
C LYS A 88 13.36 -27.97 -10.36
N ARG A 89 13.65 -26.69 -10.66
CA ARG A 89 13.38 -25.63 -9.69
C ARG A 89 11.88 -25.49 -9.42
N VAL A 90 11.05 -25.65 -10.44
CA VAL A 90 9.61 -25.57 -10.23
C VAL A 90 9.12 -26.71 -9.33
N LEU A 91 9.69 -27.92 -9.50
CA LEU A 91 9.31 -29.04 -8.63
C LEU A 91 9.70 -28.78 -7.19
N VAL A 92 10.83 -28.10 -6.97
CA VAL A 92 11.23 -27.69 -5.61
C VAL A 92 10.23 -26.68 -5.04
N GLU A 93 9.86 -25.67 -5.83
CA GLU A 93 9.00 -24.62 -5.32
C GLU A 93 7.58 -25.12 -5.03
N LYS A 94 7.15 -26.19 -5.72
CA LYS A 94 5.89 -26.84 -5.41
C LYS A 94 5.96 -27.75 -4.20
N HIS A 95 7.04 -28.03 -3.63
CA HIS A 95 7.30 -28.93 -2.49
C HIS A 95 7.23 -30.41 -2.87
N LEU A 96 7.43 -30.62 -4.18
CA LEU A 96 7.38 -32.03 -4.60
C LEU A 96 8.72 -32.73 -4.51
N ILE A 97 9.82 -32.01 -4.70
CA ILE A 97 11.16 -32.57 -4.52
C ILE A 97 11.97 -31.59 -3.68
N SER A 98 13.05 -32.11 -3.11
CA SER A 98 13.94 -31.36 -2.23
C SER A 98 15.01 -30.63 -3.03
N PRO A 99 15.59 -29.57 -2.45
CA PRO A 99 16.75 -28.94 -3.12
C PRO A 99 17.91 -29.90 -3.33
N HIS A 100 18.10 -30.88 -2.44
CA HIS A 100 19.16 -31.86 -2.64
C HIS A 100 18.93 -32.65 -3.92
N LEU A 101 17.69 -33.08 -4.16
CA LEU A 101 17.41 -33.84 -5.38
C LEU A 101 17.65 -32.99 -6.62
N ALA A 102 17.20 -31.73 -6.60
CA ALA A 102 17.32 -30.89 -7.79
C ALA A 102 18.76 -30.49 -8.07
N GLU A 103 19.58 -30.30 -7.03
CA GLU A 103 20.90 -29.72 -7.18
C GLU A 103 22.04 -30.74 -7.09
N ASP A 104 21.86 -31.84 -6.38
CA ASP A 104 22.97 -32.72 -6.04
C ASP A 104 22.82 -34.16 -6.51
N SER A 105 21.71 -34.52 -7.15
CA SER A 105 21.48 -35.90 -7.60
C SER A 105 21.37 -35.96 -9.11
N PRO A 106 22.49 -36.08 -9.82
CA PRO A 106 22.43 -36.09 -11.30
C PRO A 106 21.58 -37.22 -11.86
N PHE A 107 21.57 -38.39 -11.21
CA PHE A 107 20.71 -39.50 -11.61
C PHE A 107 19.59 -39.73 -10.61
N GLY A 108 19.11 -38.65 -10.00
CA GLY A 108 17.95 -38.73 -9.15
C GLY A 108 16.68 -38.88 -9.98
N ALA A 109 15.59 -39.18 -9.29
CA ALA A 109 14.32 -39.30 -9.98
C ALA A 109 13.23 -39.08 -8.93
N CYS A 110 12.01 -38.89 -9.43
CA CYS A 110 10.85 -38.74 -8.58
CA CYS A 110 10.86 -38.80 -8.54
C CYS A 110 9.69 -39.50 -9.20
N LEU A 111 9.07 -40.40 -8.44
CA LEU A 111 7.87 -41.12 -8.87
C LEU A 111 6.68 -40.34 -8.32
N LEU A 112 5.90 -39.74 -9.20
CA LEU A 112 4.83 -38.84 -8.82
C LEU A 112 3.49 -39.45 -9.17
N SER A 113 2.59 -39.54 -8.19
CA SER A 113 1.23 -39.95 -8.50
C SER A 113 0.55 -38.86 -9.32
N GLU A 114 -0.37 -39.29 -10.20
CA GLU A 114 -1.03 -38.32 -11.08
C GLU A 114 -1.72 -37.22 -10.28
N ASN A 115 -2.22 -37.52 -9.08
CA ASN A 115 -2.91 -36.50 -8.28
C ASN A 115 -1.97 -35.66 -7.43
N GLU A 116 -0.66 -35.92 -7.48
CA GLU A 116 0.37 -35.16 -6.77
C GLU A 116 0.26 -35.27 -5.25
N GLU A 117 -0.47 -36.27 -4.74
CA GLU A 117 -0.45 -36.57 -3.30
C GLU A 117 0.84 -37.27 -2.89
N ILE A 118 1.43 -38.06 -3.79
CA ILE A 118 2.55 -38.93 -3.48
C ILE A 118 3.73 -38.53 -4.33
N SER A 119 4.89 -38.40 -3.70
CA SER A 119 6.13 -38.09 -4.39
C SER A 119 7.20 -38.98 -3.78
N ILE A 120 7.72 -39.92 -4.55
CA ILE A 120 8.76 -40.81 -4.07
C ILE A 120 10.06 -40.36 -4.71
N MET A 121 10.93 -39.75 -3.92
CA MET A 121 12.24 -39.36 -4.41
C MET A 121 13.17 -40.56 -4.45
N ILE A 122 13.96 -40.64 -5.52
CA ILE A 122 14.88 -41.74 -5.76
C ILE A 122 16.30 -41.16 -5.86
N ASN A 123 17.23 -41.74 -5.10
CA ASN A 123 18.64 -41.34 -5.12
C ASN A 123 18.83 -39.94 -4.55
N GLU A 124 18.16 -39.65 -3.43
CA GLU A 124 18.43 -38.43 -2.67
C GLU A 124 19.54 -38.74 -1.67
N GLU A 125 19.37 -38.35 -0.41
CA GLU A 125 20.33 -38.73 0.62
CA GLU A 125 20.34 -38.73 0.61
C GLU A 125 20.21 -40.20 1.00
N ASP A 126 19.07 -40.81 0.71
CA ASP A 126 18.85 -42.24 0.81
C ASP A 126 18.31 -42.67 -0.55
N HIS A 127 18.40 -43.98 -0.82
CA HIS A 127 17.92 -44.48 -2.11
C HIS A 127 16.46 -44.11 -2.34
N ILE A 128 15.65 -44.11 -1.28
CA ILE A 128 14.21 -43.86 -1.39
C ILE A 128 13.79 -42.87 -0.31
N ARG A 129 13.01 -41.86 -0.70
CA ARG A 129 12.31 -40.99 0.25
C ARG A 129 10.84 -40.93 -0.17
N ILE A 130 10.00 -41.67 0.54
CA ILE A 130 8.56 -41.69 0.27
C ILE A 130 7.93 -40.48 0.95
N GLN A 131 7.21 -39.66 0.19
CA GLN A 131 6.56 -38.47 0.72
CA GLN A 131 6.55 -38.48 0.73
C GLN A 131 5.06 -38.53 0.43
N CYS A 132 4.25 -38.29 1.46
CA CYS A 132 2.81 -38.17 1.32
CA CYS A 132 2.81 -38.17 1.32
C CYS A 132 2.38 -36.79 1.85
N LEU A 133 1.66 -36.03 1.02
CA LEU A 133 1.25 -34.67 1.35
C LEU A 133 -0.27 -34.57 1.41
N PHE A 134 -0.78 -33.93 2.48
CA PHE A 134 -2.21 -33.71 2.69
C PHE A 134 -2.49 -32.25 3.03
N PRO A 135 -3.61 -31.70 2.55
CA PRO A 135 -3.97 -30.33 2.93
C PRO A 135 -4.45 -30.25 4.37
N GLY A 136 -4.14 -29.13 5.03
CA GLY A 136 -4.59 -28.95 6.40
C GLY A 136 -3.85 -29.88 7.36
N LEU A 137 -4.46 -30.08 8.53
CA LEU A 137 -3.88 -30.92 9.58
C LEU A 137 -4.45 -32.32 9.44
N GLN A 138 -3.68 -33.22 8.84
CA GLN A 138 -4.11 -34.59 8.61
C GLN A 138 -2.92 -35.55 8.81
N LEU A 139 -2.30 -35.47 9.99
CA LEU A 139 -1.09 -36.26 10.22
C LEU A 139 -1.39 -37.74 10.30
N ALA A 140 -2.51 -38.12 10.95
CA ALA A 140 -2.87 -39.53 11.03
C ALA A 140 -3.17 -40.09 9.65
N GLU A 141 -3.93 -39.34 8.84
CA GLU A 141 -4.27 -39.81 7.50
C GLU A 141 -3.03 -39.93 6.62
N ALA A 142 -2.10 -38.98 6.74
CA ALA A 142 -0.89 -39.04 5.92
C ALA A 142 0.02 -40.18 6.36
N LEU A 143 0.07 -40.48 7.66
CA LEU A 143 0.87 -41.62 8.12
C LEU A 143 0.28 -42.94 7.64
N GLU A 144 -1.05 -43.07 7.69
CA GLU A 144 -1.68 -44.29 7.18
C GLU A 144 -1.41 -44.47 5.69
N ALA A 145 -1.51 -43.39 4.92
CA ALA A 145 -1.23 -43.46 3.49
C ALA A 145 0.22 -43.82 3.21
N ALA A 146 1.15 -43.20 3.94
CA ALA A 146 2.57 -43.49 3.75
C ALA A 146 2.92 -44.92 4.18
N SER A 147 2.27 -45.43 5.22
CA SER A 147 2.58 -46.77 5.69
C SER A 147 2.07 -47.83 4.72
N GLU A 148 0.90 -47.59 4.14
CA GLU A 148 0.34 -48.49 3.14
C GLU A 148 1.20 -48.49 1.88
N LEU A 149 1.63 -47.30 1.46
CA LEU A 149 2.52 -47.17 0.31
C LEU A 149 3.87 -47.82 0.57
N ASP A 150 4.36 -47.67 1.81
CA ASP A 150 5.64 -48.27 2.19
C ASP A 150 5.61 -49.79 2.05
N ASP A 151 4.56 -50.43 2.56
CA ASP A 151 4.46 -51.88 2.42
C ASP A 151 4.28 -52.30 0.97
N TRP A 152 3.59 -51.47 0.18
CA TRP A 152 3.36 -51.77 -1.23
C TRP A 152 4.66 -51.73 -2.02
N ILE A 153 5.51 -50.74 -1.73
CA ILE A 153 6.83 -50.67 -2.38
C ILE A 153 7.71 -51.83 -1.94
N GLU A 154 7.64 -52.18 -0.65
CA GLU A 154 8.49 -53.25 -0.12
C GLU A 154 8.20 -54.60 -0.75
N GLY A 155 7.08 -54.74 -1.48
CA GLY A 155 6.82 -55.96 -2.23
C GLY A 155 7.71 -56.14 -3.45
N HIS A 156 8.26 -55.05 -3.96
CA HIS A 156 9.10 -55.13 -5.15
C HIS A 156 10.53 -54.80 -4.95
N VAL A 157 10.86 -54.15 -3.86
CA VAL A 157 12.24 -53.83 -3.52
C VAL A 157 12.48 -54.32 -2.10
N ASN A 158 13.74 -54.64 -1.80
CA ASN A 158 14.12 -55.16 -0.49
CA ASN A 158 14.12 -55.17 -0.50
C ASN A 158 14.84 -54.07 0.28
N TYR A 159 14.23 -53.63 1.39
CA TYR A 159 14.81 -52.58 2.21
C TYR A 159 15.93 -53.14 3.08
N ALA A 160 17.00 -52.36 3.21
CA ALA A 160 18.06 -52.66 4.16
C ALA A 160 17.58 -52.36 5.57
N PHE A 161 17.43 -53.40 6.39
CA PHE A 161 16.83 -53.25 7.71
C PHE A 161 17.61 -54.05 8.74
N ASP A 162 17.84 -53.45 9.91
CA ASP A 162 18.50 -54.07 11.05
C ASP A 162 17.52 -54.19 12.21
N GLU A 163 17.57 -55.31 12.92
CA GLU A 163 16.59 -55.54 14.00
C GLU A 163 16.77 -54.54 15.13
N ARG A 164 18.00 -54.08 15.40
CA ARG A 164 18.24 -53.14 16.48
C ARG A 164 18.26 -51.69 16.01
N LEU A 165 18.87 -51.40 14.87
CA LEU A 165 19.05 -50.03 14.41
C LEU A 165 17.99 -49.56 13.42
N GLY A 166 17.08 -50.44 13.00
CA GLY A 166 16.02 -50.06 12.09
C GLY A 166 16.47 -49.95 10.64
N TYR A 167 15.91 -49.00 9.90
CA TYR A 167 16.25 -48.87 8.49
C TYR A 167 17.65 -48.27 8.36
N LEU A 168 18.53 -48.99 7.66
CA LEU A 168 19.90 -48.53 7.54
C LEU A 168 19.96 -47.25 6.73
N THR A 169 20.80 -46.33 7.17
CA THR A 169 20.96 -45.04 6.51
C THR A 169 22.31 -44.44 6.90
N SER A 170 22.81 -43.54 6.05
CA SER A 170 23.96 -42.71 6.39
C SER A 170 23.55 -41.41 7.08
N CYS A 171 22.26 -41.11 7.17
CA CYS A 171 21.80 -39.83 7.69
CA CYS A 171 21.80 -39.83 7.69
C CYS A 171 21.53 -39.94 9.19
N PRO A 172 22.29 -39.25 10.04
CA PRO A 172 22.05 -39.34 11.49
C PRO A 172 20.63 -38.98 11.89
N THR A 173 19.99 -38.06 11.17
CA THR A 173 18.65 -37.60 11.52
C THR A 173 17.55 -38.53 11.03
N ASN A 174 17.90 -39.63 10.38
CA ASN A 174 16.94 -40.62 9.90
C ASN A 174 17.05 -41.97 10.61
N VAL A 175 17.99 -42.12 11.55
CA VAL A 175 18.27 -43.45 12.11
C VAL A 175 17.05 -43.99 12.83
N GLY A 176 16.76 -45.28 12.61
CA GLY A 176 15.65 -45.92 13.27
C GLY A 176 14.46 -46.11 12.37
N THR A 177 13.43 -45.28 12.56
CA THR A 177 12.22 -45.37 11.76
C THR A 177 12.38 -44.80 10.36
N GLY A 178 13.33 -43.90 10.15
CA GLY A 178 13.41 -43.20 8.88
C GLY A 178 12.28 -42.20 8.68
N LEU A 179 11.55 -41.87 9.74
CA LEU A 179 10.32 -41.09 9.63
C LEU A 179 10.60 -39.62 9.93
N ARG A 180 10.14 -38.74 9.05
CA ARG A 180 10.03 -37.31 9.34
C ARG A 180 8.59 -36.90 9.11
N ALA A 181 7.94 -36.44 10.18
CA ALA A 181 6.58 -35.89 10.12
C ALA A 181 6.65 -34.38 10.28
N SER A 182 5.88 -33.64 9.48
CA SER A 182 5.94 -32.19 9.59
C SER A 182 4.62 -31.53 9.20
N VAL A 183 4.43 -30.33 9.72
CA VAL A 183 3.25 -29.53 9.39
CA VAL A 183 3.25 -29.52 9.43
C VAL A 183 3.74 -28.12 9.04
N MET A 184 3.10 -27.53 8.05
CA MET A 184 3.36 -26.15 7.65
CA MET A 184 3.37 -26.15 7.65
C MET A 184 2.27 -25.26 8.21
N MET A 185 2.65 -24.22 8.97
CA MET A 185 1.70 -23.38 9.68
C MET A 185 1.95 -21.90 9.41
N HIS A 186 0.86 -21.14 9.30
CA HIS A 186 0.89 -19.70 9.13
C HIS A 186 0.58 -19.09 10.50
N LEU A 187 1.58 -18.45 11.11
CA LEU A 187 1.47 -17.93 12.48
C LEU A 187 1.71 -16.41 12.55
N PRO A 188 0.95 -15.62 11.82
CA PRO A 188 1.20 -14.16 11.85
C PRO A 188 0.99 -13.52 13.22
N ALA A 189 0.01 -13.98 14.00
CA ALA A 189 -0.27 -13.31 15.27
C ALA A 189 0.81 -13.60 16.30
N LEU A 190 1.34 -14.83 16.32
CA LEU A 190 2.42 -15.13 17.25
C LEU A 190 3.70 -14.40 16.88
N VAL A 191 3.93 -14.14 15.59
CA VAL A 191 5.08 -13.35 15.20
C VAL A 191 4.89 -11.88 15.59
N LEU A 192 3.71 -11.32 15.34
CA LEU A 192 3.50 -9.90 15.59
C LEU A 192 3.52 -9.59 17.10
N THR A 193 2.98 -10.49 17.91
CA THR A 193 3.07 -10.35 19.37
C THR A 193 4.40 -10.84 19.91
N GLN A 194 5.31 -11.29 19.04
CA GLN A 194 6.67 -11.66 19.40
C GLN A 194 6.71 -12.81 20.41
N GLN A 195 5.85 -13.80 20.20
CA GLN A 195 5.86 -15.00 21.01
C GLN A 195 6.71 -16.12 20.40
N ILE A 196 7.19 -15.95 19.16
CA ILE A 196 7.86 -17.06 18.48
C ILE A 196 9.19 -17.38 19.14
N ASN A 197 9.98 -16.35 19.48
CA ASN A 197 11.29 -16.58 20.09
C ASN A 197 11.19 -17.17 21.49
N ARG A 198 10.00 -17.17 22.10
CA ARG A 198 9.72 -17.98 23.28
C ARG A 198 9.29 -19.39 22.91
N ILE A 199 8.42 -19.51 21.90
CA ILE A 199 7.83 -20.81 21.58
C ILE A 199 8.88 -21.77 21.01
N ILE A 200 9.80 -21.27 20.20
CA ILE A 200 10.78 -22.16 19.56
C ILE A 200 11.64 -22.89 20.57
N PRO A 201 12.31 -22.22 21.53
CA PRO A 201 13.07 -22.98 22.53
C PRO A 201 12.22 -23.92 23.36
N ALA A 202 10.96 -23.58 23.63
CA ALA A 202 10.09 -24.50 24.34
C ALA A 202 9.80 -25.74 23.50
N ILE A 203 9.56 -25.55 22.20
CA ILE A 203 9.23 -26.66 21.31
C ILE A 203 10.40 -27.64 21.22
N ASN A 204 11.63 -27.12 21.20
CA ASN A 204 12.80 -27.98 21.14
C ASN A 204 12.89 -28.90 22.36
N GLN A 205 12.47 -28.42 23.53
CA GLN A 205 12.49 -29.26 24.72
C GLN A 205 11.54 -30.45 24.56
N LEU A 206 10.38 -30.22 23.93
CA LEU A 206 9.40 -31.28 23.72
C LEU A 206 9.81 -32.25 22.61
N GLY A 207 10.97 -32.05 21.99
CA GLY A 207 11.48 -32.97 21.00
C GLY A 207 11.13 -32.66 19.56
N LEU A 208 10.79 -31.41 19.26
CA LEU A 208 10.41 -31.01 17.91
C LEU A 208 11.33 -29.91 17.40
N VAL A 209 11.32 -29.73 16.08
CA VAL A 209 12.17 -28.77 15.39
C VAL A 209 11.28 -27.78 14.63
N VAL A 210 11.74 -26.53 14.56
CA VAL A 210 11.01 -25.48 13.85
C VAL A 210 11.96 -24.82 12.86
N ARG A 211 11.50 -24.64 11.63
CA ARG A 211 12.24 -23.83 10.67
C ARG A 211 11.27 -23.02 9.85
N GLY A 212 11.76 -21.91 9.31
CA GLY A 212 10.98 -21.13 8.37
C GLY A 212 11.01 -21.77 6.99
N THR A 213 9.85 -21.76 6.33
CA THR A 213 9.77 -22.32 4.98
C THR A 213 10.53 -21.46 3.98
N TYR A 214 10.39 -20.14 4.10
CA TYR A 214 10.95 -19.19 3.15
C TYR A 214 11.99 -18.30 3.82
N GLY A 215 12.93 -17.80 3.02
CA GLY A 215 13.97 -16.93 3.53
C GLY A 215 15.29 -17.65 3.70
N GLU A 216 16.19 -16.98 4.41
CA GLU A 216 17.53 -17.49 4.68
C GLU A 216 17.81 -17.47 6.16
N GLY A 217 18.48 -18.51 6.65
CA GLY A 217 18.89 -18.53 8.05
C GLY A 217 17.69 -18.75 8.97
N SER A 218 17.57 -17.90 9.99
CA SER A 218 16.45 -17.95 10.91
C SER A 218 15.19 -17.28 10.36
N GLU A 219 15.23 -16.80 9.12
CA GLU A 219 14.10 -16.11 8.55
C GLU A 219 12.94 -17.06 8.28
N ALA A 220 11.73 -16.53 8.43
CA ALA A 220 10.49 -17.22 8.09
C ALA A 220 9.63 -16.21 7.33
N LEU A 221 9.97 -16.02 6.06
CA LEU A 221 9.22 -15.05 5.26
C LEU A 221 7.77 -15.50 5.10
N GLY A 222 6.87 -14.52 5.12
CA GLY A 222 5.45 -14.82 5.13
C GLY A 222 4.94 -15.39 6.42
N ASN A 223 5.76 -15.49 7.46
CA ASN A 223 5.37 -16.06 8.75
C ASN A 223 4.88 -17.50 8.61
N ILE A 224 5.47 -18.22 7.66
CA ILE A 224 5.17 -19.62 7.44
C ILE A 224 6.28 -20.47 8.03
N PHE A 225 5.91 -21.38 8.95
CA PHE A 225 6.85 -22.19 9.69
C PHE A 225 6.60 -23.67 9.46
N GLN A 226 7.66 -24.48 9.52
CA GLN A 226 7.55 -25.92 9.44
CA GLN A 226 7.56 -25.92 9.43
C GLN A 226 7.92 -26.52 10.79
N ILE A 227 7.02 -27.31 11.36
CA ILE A 227 7.21 -27.99 12.65
C ILE A 227 7.35 -29.48 12.37
N SER A 228 8.45 -30.09 12.85
CA SER A 228 8.69 -31.50 12.57
C SER A 228 9.26 -32.20 13.80
N ASN A 229 9.34 -33.52 13.72
CA ASN A 229 9.91 -34.32 14.79
C ASN A 229 11.43 -34.33 14.71
N GLN A 230 12.07 -34.32 15.88
CA GLN A 230 13.50 -34.54 15.99
CA GLN A 230 13.50 -34.54 15.99
C GLN A 230 13.83 -36.01 16.25
N ILE A 231 13.03 -36.67 17.08
CA ILE A 231 13.28 -38.06 17.46
C ILE A 231 12.80 -38.99 16.35
N THR A 232 13.67 -39.92 15.97
CA THR A 232 13.33 -40.95 14.98
C THR A 232 13.64 -42.36 15.42
N LEU A 233 14.47 -42.56 16.45
CA LEU A 233 14.90 -43.88 16.91
C LEU A 233 14.46 -44.09 18.36
N GLY A 234 13.93 -45.28 18.64
CA GLY A 234 13.49 -45.61 19.98
C GLY A 234 12.07 -45.21 20.30
N LYS A 235 11.28 -44.81 19.30
CA LYS A 235 9.90 -44.41 19.48
C LYS A 235 9.12 -44.89 18.27
N SER A 236 7.89 -45.35 18.49
CA SER A 236 7.09 -45.86 17.39
C SER A 236 6.66 -44.71 16.47
N GLU A 237 6.41 -45.04 15.20
CA GLU A 237 5.95 -44.03 14.25
C GLU A 237 4.66 -43.38 14.73
N GLU A 238 3.72 -44.18 15.23
CA GLU A 238 2.45 -43.63 15.71
C GLU A 238 2.67 -42.67 16.87
N ASP A 239 3.60 -43.01 17.78
CA ASP A 239 3.87 -42.13 18.92
C ASP A 239 4.56 -40.84 18.48
N ILE A 240 5.47 -40.94 17.50
CA ILE A 240 6.12 -39.74 16.96
C ILE A 240 5.07 -38.78 16.42
N VAL A 241 4.12 -39.30 15.64
CA VAL A 241 3.13 -38.46 14.98
C VAL A 241 2.12 -37.92 15.98
N ALA A 242 1.72 -38.75 16.95
CA ALA A 242 0.77 -38.29 17.97
C ALA A 242 1.34 -37.15 18.81
N ASP A 243 2.64 -37.18 19.09
CA ASP A 243 3.21 -36.11 19.90
C ASP A 243 3.31 -34.80 19.12
N LEU A 244 3.73 -34.88 17.85
CA LEU A 244 3.69 -33.70 16.99
C LEU A 244 2.28 -33.12 16.91
N HIS A 245 1.29 -33.98 16.67
CA HIS A 245 -0.09 -33.53 16.55
C HIS A 245 -0.54 -32.77 17.79
N THR A 246 -0.18 -33.27 18.97
CA THR A 246 -0.55 -32.60 20.22
C THR A 246 -0.01 -31.18 20.28
N ILE A 247 1.29 -31.01 20.03
CA ILE A 247 1.90 -29.68 20.10
C ILE A 247 1.35 -28.77 19.00
N VAL A 248 1.11 -29.32 17.81
CA VAL A 248 0.52 -28.51 16.74
C VAL A 248 -0.85 -27.97 17.15
N GLU A 249 -1.69 -28.82 17.75
CA GLU A 249 -3.00 -28.34 18.19
C GLU A 249 -2.87 -27.27 19.28
N GLN A 250 -1.82 -27.35 20.11
CA GLN A 250 -1.57 -26.29 21.08
C GLN A 250 -1.15 -25.01 20.39
N LEU A 251 -0.36 -25.12 19.32
CA LEU A 251 0.04 -23.92 18.58
C LEU A 251 -1.15 -23.29 17.88
N ILE A 252 -2.06 -24.10 17.34
CA ILE A 252 -3.25 -23.57 16.69
C ILE A 252 -4.04 -22.73 17.67
N ALA A 253 -4.19 -23.21 18.91
CA ALA A 253 -4.98 -22.47 19.91
C ALA A 253 -4.27 -21.20 20.35
N GLN A 254 -2.94 -21.24 20.47
CA GLN A 254 -2.21 -20.03 20.84
C GLN A 254 -2.24 -18.98 19.73
N GLU A 255 -2.15 -19.41 18.47
CA GLU A 255 -2.27 -18.47 17.35
C GLU A 255 -3.68 -17.90 17.27
N ARG A 256 -4.71 -18.73 17.43
CA ARG A 256 -6.08 -18.22 17.42
C ARG A 256 -6.30 -17.26 18.59
N ALA A 257 -5.78 -17.59 19.77
CA ALA A 257 -5.93 -16.68 20.90
C ALA A 257 -5.23 -15.35 20.64
N ALA A 258 -4.04 -15.39 20.03
CA ALA A 258 -3.31 -14.18 19.75
C ALA A 258 -4.03 -13.31 18.71
N ARG A 259 -4.71 -13.95 17.74
CA ARG A 259 -5.49 -13.18 16.77
C ARG A 259 -6.64 -12.44 17.43
N GLN A 260 -7.38 -13.14 18.31
CA GLN A 260 -8.48 -12.46 18.99
C GLN A 260 -7.98 -11.37 19.92
N ALA A 261 -6.82 -11.56 20.55
CA ALA A 261 -6.27 -10.51 21.39
C ALA A 261 -5.90 -9.28 20.57
N LEU A 262 -5.32 -9.50 19.39
CA LEU A 262 -4.97 -8.36 18.52
C LEU A 262 -6.20 -7.61 18.07
N VAL A 263 -7.29 -8.32 17.78
CA VAL A 263 -8.50 -7.64 17.35
C VAL A 263 -9.02 -6.76 18.48
N LYS A 264 -8.97 -7.27 19.70
CA LYS A 264 -9.48 -6.51 20.84
C LYS A 264 -8.56 -5.33 21.19
N THR A 265 -7.24 -5.54 21.11
CA THR A 265 -6.29 -4.49 21.49
C THR A 265 -6.13 -3.41 20.43
N LEU A 266 -6.14 -3.80 19.14
CA LEU A 266 -5.84 -2.86 18.06
C LEU A 266 -7.05 -2.38 17.28
N GLY A 267 -8.08 -3.22 17.16
CA GLY A 267 -9.29 -2.83 16.44
C GLY A 267 -9.04 -2.29 15.05
N ILE A 268 -9.46 -1.04 14.80
CA ILE A 268 -9.34 -0.41 13.49
C ILE A 268 -7.90 -0.30 13.02
N GLN A 269 -6.93 -0.26 13.95
CA GLN A 269 -5.52 -0.23 13.55
C GLN A 269 -5.09 -1.54 12.87
N LEU A 270 -5.65 -2.67 13.29
CA LEU A 270 -5.37 -3.94 12.63
C LEU A 270 -6.05 -3.99 11.26
N GLU A 271 -7.31 -3.56 11.18
CA GLU A 271 -7.98 -3.47 9.89
C GLU A 271 -7.19 -2.58 8.93
N ASP A 272 -6.68 -1.45 9.44
CA ASP A 272 -5.84 -0.58 8.63
C ASP A 272 -4.57 -1.29 8.16
N LYS A 273 -3.94 -2.07 9.03
CA LYS A 273 -2.70 -2.75 8.64
C LYS A 273 -2.92 -3.73 7.49
N VAL A 274 -3.96 -4.57 7.58
CA VAL A 274 -4.16 -5.58 6.54
C VAL A 274 -4.63 -4.94 5.23
N PHE A 275 -5.39 -3.85 5.29
CA PHE A 275 -5.86 -3.22 4.07
C PHE A 275 -4.77 -2.41 3.38
N ARG A 276 -3.87 -1.80 4.16
CA ARG A 276 -2.70 -1.16 3.56
C ARG A 276 -1.85 -2.17 2.78
N SER A 277 -1.65 -3.36 3.35
CA SER A 277 -0.88 -4.37 2.63
C SER A 277 -1.60 -4.82 1.37
N TYR A 278 -2.94 -4.97 1.44
CA TYR A 278 -3.71 -5.25 0.25
C TYR A 278 -3.51 -4.16 -0.80
N GLY A 279 -3.58 -2.89 -0.37
CA GLY A 279 -3.44 -1.78 -1.31
C GLY A 279 -2.09 -1.77 -1.99
N ILE A 280 -1.03 -2.09 -1.24
CA ILE A 280 0.30 -2.18 -1.85
C ILE A 280 0.35 -3.30 -2.87
N LEU A 281 -0.11 -4.50 -2.48
CA LEU A 281 -0.03 -5.62 -3.40
C LEU A 281 -0.87 -5.37 -4.65
N ALA A 282 -2.03 -4.72 -4.50
CA ALA A 282 -2.92 -4.52 -5.63
C ALA A 282 -2.41 -3.49 -6.62
N ASN A 283 -1.45 -2.64 -6.22
CA ASN A 283 -1.09 -1.49 -7.03
C ASN A 283 0.41 -1.27 -7.24
N CYS A 284 1.29 -1.84 -6.44
CA CYS A 284 2.70 -1.50 -6.60
C CYS A 284 3.25 -2.02 -7.92
N ARG A 285 4.34 -1.39 -8.37
CA ARG A 285 5.02 -1.77 -9.61
C ARG A 285 6.39 -2.40 -9.37
N VAL A 286 6.93 -2.31 -8.15
CA VAL A 286 8.21 -2.91 -7.78
C VAL A 286 8.08 -3.45 -6.37
N ILE A 287 8.39 -4.73 -6.16
CA ILE A 287 8.31 -5.27 -4.80
C ILE A 287 9.30 -6.43 -4.67
N ASP A 288 10.06 -6.43 -3.59
CA ASP A 288 11.02 -7.48 -3.32
C ASP A 288 10.37 -8.66 -2.60
N SER A 289 11.15 -9.73 -2.45
CA SER A 289 10.60 -10.96 -1.88
CA SER A 289 10.61 -10.96 -1.87
CA SER A 289 10.61 -10.96 -1.87
C SER A 289 10.17 -10.77 -0.43
N LYS A 290 10.96 -10.03 0.36
CA LYS A 290 10.62 -9.87 1.77
C LYS A 290 9.33 -9.06 1.95
N GLU A 291 9.19 -7.95 1.24
CA GLU A 291 7.97 -7.16 1.43
C GLU A 291 6.74 -7.89 0.88
N ALA A 292 6.90 -8.61 -0.24
CA ALA A 292 5.76 -9.30 -0.82
C ALA A 292 5.25 -10.37 0.15
N ALA A 293 6.16 -11.15 0.72
CA ALA A 293 5.77 -12.20 1.65
C ALA A 293 5.08 -11.61 2.88
N GLN A 294 5.62 -10.52 3.42
CA GLN A 294 4.99 -9.90 4.58
C GLN A 294 3.59 -9.39 4.24
N CYS A 295 3.43 -8.73 3.10
CA CYS A 295 2.10 -8.20 2.74
C CYS A 295 1.11 -9.33 2.46
N LEU A 296 1.58 -10.40 1.82
CA LEU A 296 0.73 -11.56 1.57
C LEU A 296 0.26 -12.19 2.88
N SER A 297 1.17 -12.30 3.86
CA SER A 297 0.79 -12.76 5.19
C SER A 297 -0.27 -11.86 5.82
N ASP A 298 -0.07 -10.54 5.78
CA ASP A 298 -1.05 -9.61 6.31
C ASP A 298 -2.41 -9.78 5.65
N VAL A 299 -2.42 -9.93 4.32
CA VAL A 299 -3.71 -10.02 3.61
C VAL A 299 -4.43 -11.30 3.99
N ARG A 300 -3.70 -12.41 4.10
CA ARG A 300 -4.32 -13.66 4.55
C ARG A 300 -4.89 -13.52 5.96
N LEU A 301 -4.14 -12.88 6.87
CA LEU A 301 -4.70 -12.62 8.20
C LEU A 301 -5.99 -11.82 8.10
N GLY A 302 -6.00 -10.80 7.24
CA GLY A 302 -7.21 -10.00 7.08
C GLY A 302 -8.37 -10.81 6.53
N ILE A 303 -8.08 -11.72 5.61
CA ILE A 303 -9.14 -12.59 5.10
C ILE A 303 -9.64 -13.53 6.19
N ASP A 304 -8.71 -14.12 6.95
CA ASP A 304 -9.09 -15.08 7.99
C ASP A 304 -10.01 -14.42 9.02
N LEU A 305 -9.67 -13.20 9.43
CA LEU A 305 -10.42 -12.48 10.46
C LEU A 305 -11.71 -11.87 9.95
N GLY A 306 -11.97 -11.90 8.63
CA GLY A 306 -13.19 -11.35 8.09
C GLY A 306 -13.15 -9.89 7.69
N TYR A 307 -11.99 -9.23 7.80
CA TYR A 307 -11.90 -7.83 7.33
C TYR A 307 -11.96 -7.74 5.83
N ILE A 308 -11.17 -8.56 5.13
CA ILE A 308 -11.00 -8.48 3.69
C ILE A 308 -11.94 -9.51 3.05
N LYS A 309 -12.90 -9.02 2.29
CA LYS A 309 -13.85 -9.85 1.58
C LYS A 309 -13.49 -9.92 0.10
N ASN A 310 -14.04 -10.92 -0.57
CA ASN A 310 -13.92 -11.09 -2.01
C ASN A 310 -12.49 -11.35 -2.46
N VAL A 311 -11.66 -11.94 -1.60
CA VAL A 311 -10.33 -12.40 -1.99
C VAL A 311 -10.14 -13.79 -1.41
N SER A 312 -9.88 -14.78 -2.28
CA SER A 312 -9.73 -16.14 -1.81
C SER A 312 -8.51 -16.26 -0.90
N ARG A 313 -8.65 -17.01 0.21
CA ARG A 313 -7.52 -17.14 1.12
C ARG A 313 -6.35 -17.90 0.49
N ASN A 314 -6.59 -18.66 -0.57
CA ASN A 314 -5.53 -19.40 -1.24
CA ASN A 314 -5.49 -19.39 -1.19
C ASN A 314 -4.52 -18.49 -1.92
N ILE A 315 -4.72 -17.16 -1.89
CA ILE A 315 -3.74 -16.26 -2.47
C ILE A 315 -2.40 -16.38 -1.75
N LEU A 316 -2.43 -16.64 -0.44
CA LEU A 316 -1.18 -16.82 0.29
C LEU A 316 -0.46 -18.07 -0.20
N ASN A 317 -1.15 -19.21 -0.20
CA ASN A 317 -0.56 -20.47 -0.61
C ASN A 317 -0.01 -20.37 -2.03
N GLU A 318 -0.83 -19.84 -2.94
CA GLU A 318 -0.47 -19.89 -4.36
C GLU A 318 0.56 -18.83 -4.72
N LEU A 319 0.36 -17.59 -4.25
CA LEU A 319 1.29 -16.53 -4.65
C LEU A 319 2.65 -16.68 -3.97
N MET A 320 2.73 -17.30 -2.78
CA MET A 320 4.05 -17.56 -2.21
C MET A 320 4.88 -18.49 -3.09
N ILE A 321 4.22 -19.43 -3.78
CA ILE A 321 4.92 -20.34 -4.68
C ILE A 321 5.17 -19.70 -6.04
N LEU A 322 4.15 -19.05 -6.60
CA LEU A 322 4.26 -18.51 -7.95
C LEU A 322 5.27 -17.37 -8.04
N THR A 323 5.62 -16.74 -6.93
CA THR A 323 6.58 -15.65 -6.95
C THR A 323 8.00 -16.13 -6.65
N GLN A 324 8.21 -17.43 -6.52
CA GLN A 324 9.57 -17.96 -6.38
C GLN A 324 10.29 -17.90 -7.72
N PRO A 325 11.63 -17.97 -7.72
CA PRO A 325 12.38 -17.65 -8.95
C PRO A 325 12.01 -18.49 -10.15
N GLY A 326 11.77 -19.79 -9.95
CA GLY A 326 11.47 -20.66 -11.09
C GLY A 326 10.12 -20.36 -11.71
N PHE A 327 9.08 -20.28 -10.87
CA PHE A 327 7.77 -19.90 -11.38
C PHE A 327 7.78 -18.49 -11.96
N LEU A 328 8.60 -17.60 -11.41
CA LEU A 328 8.64 -16.23 -11.93
C LEU A 328 9.26 -16.21 -13.33
N GLN A 329 10.32 -16.99 -13.52
CA GLN A 329 10.90 -17.10 -14.86
C GLN A 329 9.89 -17.70 -15.84
N GLN A 330 9.13 -18.70 -15.41
CA GLN A 330 8.11 -19.29 -16.25
C GLN A 330 7.01 -18.27 -16.58
N TYR A 331 6.60 -17.47 -15.59
CA TYR A 331 5.63 -16.42 -15.84
C TYR A 331 6.16 -15.40 -16.84
N ALA A 332 7.44 -15.07 -16.76
CA ALA A 332 8.01 -14.05 -17.63
C ALA A 332 8.43 -14.61 -18.99
N GLY A 333 8.56 -15.92 -19.12
CA GLY A 333 8.93 -16.56 -20.37
C GLY A 333 10.41 -16.59 -20.67
N GLY A 334 11.25 -16.09 -19.76
CA GLY A 334 12.69 -16.13 -19.98
C GLY A 334 13.41 -15.74 -18.71
N VAL A 335 14.74 -15.92 -18.76
CA VAL A 335 15.57 -15.63 -17.59
C VAL A 335 15.49 -14.14 -17.27
N LEU A 336 15.47 -13.81 -15.97
CA LEU A 336 15.26 -12.46 -15.48
C LEU A 336 16.49 -11.97 -14.72
N ARG A 337 16.80 -10.70 -14.87
CA ARG A 337 17.86 -10.10 -14.10
C ARG A 337 17.25 -9.59 -12.82
N PRO A 338 18.07 -9.30 -11.85
CA PRO A 338 17.67 -8.89 -10.51
C PRO A 338 16.62 -7.82 -10.46
N GLU A 339 16.77 -6.79 -11.25
CA GLU A 339 15.77 -5.75 -11.16
C GLU A 339 14.51 -6.08 -11.91
N GLU A 340 14.61 -6.87 -12.97
CA GLU A 340 13.40 -7.26 -13.65
C GLU A 340 12.59 -8.14 -12.74
N ARG A 341 13.22 -8.90 -11.87
CA ARG A 341 12.50 -9.79 -10.98
C ARG A 341 11.51 -9.04 -10.10
N ASP A 342 11.92 -7.89 -9.56
CA ASP A 342 11.02 -7.15 -8.68
C ASP A 342 9.85 -6.55 -9.44
N VAL A 343 10.06 -6.20 -10.71
CA VAL A 343 8.98 -5.69 -11.56
C VAL A 343 8.02 -6.82 -11.93
N ARG A 344 8.57 -7.98 -12.31
CA ARG A 344 7.71 -9.11 -12.66
C ARG A 344 6.92 -9.61 -11.45
N ARG A 345 7.57 -9.63 -10.27
CA ARG A 345 6.89 -10.08 -9.07
C ARG A 345 5.68 -9.20 -8.76
N ALA A 346 5.87 -7.89 -8.82
CA ALA A 346 4.73 -6.99 -8.60
C ALA A 346 3.64 -7.19 -9.64
N ALA A 347 4.03 -7.36 -10.91
CA ALA A 347 3.03 -7.48 -11.97
C ALA A 347 2.22 -8.76 -11.82
N LEU A 348 2.87 -9.85 -11.44
CA LEU A 348 2.15 -11.12 -11.23
C LEU A 348 1.13 -10.97 -10.10
N ILE A 349 1.54 -10.37 -8.98
CA ILE A 349 0.61 -10.20 -7.87
C ILE A 349 -0.54 -9.28 -8.24
N ARG A 350 -0.25 -8.13 -8.86
CA ARG A 350 -1.30 -7.22 -9.33
C ARG A 350 -2.35 -7.95 -10.16
N GLU A 351 -1.91 -8.74 -11.15
CA GLU A 351 -2.83 -9.39 -12.06
C GLU A 351 -3.72 -10.39 -11.33
N ARG A 352 -3.13 -11.16 -10.40
CA ARG A 352 -3.92 -12.11 -9.63
C ARG A 352 -4.98 -11.40 -8.80
N LEU A 353 -4.60 -10.33 -8.08
CA LEU A 353 -5.58 -9.61 -7.28
C LEU A 353 -6.62 -8.94 -8.15
N ARG A 354 -6.23 -8.49 -9.35
CA ARG A 354 -7.21 -7.93 -10.27
C ARG A 354 -8.21 -9.00 -10.72
N MET A 355 -7.72 -10.22 -10.95
CA MET A 355 -8.61 -11.32 -11.31
C MET A 355 -9.57 -11.65 -10.18
N GLU A 356 -9.14 -11.49 -8.93
CA GLU A 356 -10.04 -11.76 -7.79
C GLU A 356 -11.18 -10.76 -7.74
N THR A 357 -10.95 -9.52 -8.16
CA THR A 357 -11.98 -8.49 -8.12
C THR A 357 -13.02 -8.71 -9.22
N ARG A 358 -12.57 -9.22 -10.35
CA ARG A 358 -13.47 -9.47 -11.48
C ARG A 358 -14.51 -10.53 -11.11
N LEU A 359 -14.08 -11.55 -10.39
CA LEU A 359 -14.99 -12.61 -9.96
C LEU A 359 -15.99 -12.09 -8.94
N PHE B 9 -23.16 27.14 -1.39
CA PHE B 9 -21.88 27.74 -0.99
C PHE B 9 -21.18 26.88 0.05
N PHE B 10 -21.96 26.04 0.74
CA PHE B 10 -21.45 25.16 1.77
C PHE B 10 -21.44 23.70 1.36
N ASN B 11 -21.94 23.37 0.17
CA ASN B 11 -22.16 21.98 -0.23
C ASN B 11 -20.92 21.35 -0.86
N THR B 12 -20.33 21.99 -1.86
CA THR B 12 -19.17 21.45 -2.55
C THR B 12 -17.89 22.10 -2.03
N ALA B 13 -16.77 21.45 -2.32
CA ALA B 13 -15.46 21.99 -1.94
C ALA B 13 -14.93 22.97 -2.98
N VAL B 14 -15.18 22.68 -4.26
CA VAL B 14 -14.74 23.53 -5.36
C VAL B 14 -15.93 23.77 -6.26
N SER B 15 -16.17 25.04 -6.61
CA SER B 15 -17.30 25.38 -7.46
C SER B 15 -17.07 24.86 -8.87
N ALA B 16 -18.15 24.86 -9.65
CA ALA B 16 -18.04 24.49 -11.07
C ALA B 16 -17.12 25.47 -11.80
N TRP B 17 -17.19 26.76 -11.46
CA TRP B 17 -16.31 27.75 -12.07
C TRP B 17 -14.85 27.44 -11.79
N MET B 18 -14.52 27.17 -10.52
CA MET B 18 -13.14 26.88 -10.14
C MET B 18 -12.70 25.48 -10.52
N SER B 19 -13.63 24.59 -10.86
CA SER B 19 -13.26 23.24 -11.30
C SER B 19 -12.89 23.17 -12.77
N GLN B 20 -13.12 24.24 -13.52
CA GLN B 20 -12.75 24.26 -14.93
C GLN B 20 -11.23 24.23 -15.08
N GLU B 21 -10.79 23.76 -16.25
CA GLU B 21 -9.37 23.71 -16.56
C GLU B 21 -8.91 25.09 -17.02
N GLY B 22 -7.81 25.57 -16.43
CA GLY B 22 -7.26 26.85 -16.79
C GLY B 22 -5.88 26.71 -17.41
N PRO B 23 -5.27 27.83 -17.77
CA PRO B 23 -3.91 27.77 -18.34
C PRO B 23 -2.91 27.31 -17.29
N ASN B 24 -2.01 26.41 -17.72
CA ASN B 24 -0.97 25.85 -16.86
C ASN B 24 -1.55 25.22 -15.60
N SER B 25 -2.80 24.74 -15.67
CA SER B 25 -3.43 24.23 -14.46
C SER B 25 -2.86 22.88 -14.03
N ASP B 26 -1.94 22.29 -14.78
CA ASP B 26 -1.23 21.12 -14.26
C ASP B 26 -0.40 21.49 -13.03
N ILE B 27 0.16 22.69 -13.00
CA ILE B 27 1.03 23.14 -11.92
C ILE B 27 0.36 24.22 -11.08
N VAL B 28 -0.34 25.16 -11.72
CA VAL B 28 -0.95 26.27 -11.00
C VAL B 28 -2.39 25.90 -10.66
N LEU B 29 -2.66 25.79 -9.36
CA LEU B 29 -4.02 25.47 -8.96
C LEU B 29 -4.95 26.65 -9.15
N SER B 30 -4.51 27.87 -8.79
CA SER B 30 -5.39 29.02 -8.87
C SER B 30 -4.60 30.31 -8.80
N SER B 31 -5.26 31.40 -9.19
CA SER B 31 -4.75 32.77 -9.10
C SER B 31 -5.74 33.63 -8.34
N ARG B 32 -5.24 34.56 -7.52
CA ARG B 32 -6.07 35.37 -6.65
C ARG B 32 -5.62 36.82 -6.69
N ILE B 33 -6.58 37.73 -6.73
CA ILE B 33 -6.35 39.16 -6.56
C ILE B 33 -7.20 39.65 -5.39
N ARG B 34 -6.58 40.35 -4.45
CA ARG B 34 -7.29 40.98 -3.34
C ARG B 34 -7.01 42.48 -3.35
N LEU B 35 -8.06 43.28 -3.19
CA LEU B 35 -7.95 44.75 -3.12
C LEU B 35 -8.58 45.22 -1.82
N ALA B 36 -7.79 45.90 -0.99
CA ALA B 36 -8.22 46.35 0.32
C ALA B 36 -8.49 47.86 0.29
N ARG B 37 -9.65 48.27 0.80
CA ARG B 37 -9.96 49.69 0.90
C ARG B 37 -10.71 49.98 2.19
N ASN B 38 -10.64 51.23 2.63
CA ASN B 38 -11.45 51.71 3.73
C ASN B 38 -12.32 52.86 3.24
N ILE B 39 -13.44 53.08 3.93
CA ILE B 39 -14.47 54.03 3.55
C ILE B 39 -14.34 55.29 4.39
N VAL B 40 -14.42 56.44 3.74
CA VAL B 40 -14.42 57.71 4.47
C VAL B 40 -15.64 57.76 5.40
N ASP B 41 -15.47 58.46 6.52
CA ASP B 41 -16.50 58.76 7.53
C ASP B 41 -16.72 57.59 8.48
N PHE B 42 -15.96 56.50 8.38
CA PHE B 42 -15.99 55.44 9.37
C PHE B 42 -14.59 55.21 9.93
N ARG B 43 -14.51 54.96 11.24
CA ARG B 43 -13.24 54.59 11.84
C ARG B 43 -12.77 53.23 11.32
N PHE B 44 -11.45 53.03 11.34
CA PHE B 44 -10.87 51.79 10.86
C PHE B 44 -11.35 50.61 11.70
N PRO B 45 -11.39 49.40 11.13
CA PRO B 45 -11.87 48.24 11.89
C PRO B 45 -11.16 48.00 13.22
N THR B 46 -9.88 48.37 13.34
CA THR B 46 -9.17 48.20 14.59
C THR B 46 -9.74 49.04 15.72
N LEU B 47 -10.54 50.06 15.39
CA LEU B 47 -11.03 51.00 16.41
C LEU B 47 -12.53 51.26 16.34
N PHE B 48 -13.25 50.73 15.36
CA PHE B 48 -14.63 51.16 15.24
C PHE B 48 -15.50 50.40 16.25
N SER B 49 -16.73 50.88 16.39
CA SER B 49 -17.70 50.25 17.27
C SER B 49 -18.54 49.26 16.48
N SER B 50 -19.21 48.36 17.20
CA SER B 50 -20.07 47.39 16.52
C SER B 50 -21.19 48.09 15.76
N GLU B 51 -21.65 49.25 16.24
CA GLU B 51 -22.71 49.97 15.52
C GLU B 51 -22.19 50.53 14.19
N GLU B 52 -20.93 50.96 14.15
CA GLU B 52 -20.34 51.36 12.87
C GLU B 52 -20.21 50.17 11.92
N ALA B 53 -19.79 49.01 12.44
CA ALA B 53 -19.68 47.82 11.61
C ALA B 53 -21.02 47.48 10.96
N LYS B 54 -22.11 47.55 11.73
CA LYS B 54 -23.42 47.27 11.18
C LYS B 54 -23.79 48.26 10.08
N GLN B 55 -23.44 49.53 10.28
CA GLN B 55 -23.78 50.55 9.28
CA GLN B 55 -23.78 50.54 9.27
C GLN B 55 -23.04 50.29 7.96
N ILE B 56 -21.80 49.79 8.04
CA ILE B 56 -21.09 49.48 6.80
C ILE B 56 -21.73 48.31 6.08
N VAL B 57 -22.11 47.27 6.84
CA VAL B 57 -22.79 46.13 6.22
C VAL B 57 -24.10 46.58 5.59
N ALA B 58 -24.82 47.48 6.28
CA ALA B 58 -26.08 47.98 5.76
C ALA B 58 -25.87 48.82 4.50
N LEU B 59 -24.79 49.60 4.46
CA LEU B 59 -24.47 50.36 3.26
C LEU B 59 -24.29 49.44 2.05
N PHE B 60 -23.57 48.34 2.24
CA PHE B 60 -23.33 47.43 1.12
C PHE B 60 -24.55 46.59 0.78
N GLU B 61 -25.35 46.22 1.79
CA GLU B 61 -26.59 45.50 1.50
C GLU B 61 -27.50 46.30 0.58
N ARG B 62 -27.58 47.61 0.78
CA ARG B 62 -28.38 48.46 -0.09
C ARG B 62 -27.78 48.56 -1.49
N ALA B 63 -26.44 48.63 -1.58
CA ALA B 63 -25.80 48.82 -2.87
C ALA B 63 -26.01 47.64 -3.81
N PHE B 64 -26.27 46.45 -3.28
CA PHE B 64 -26.47 45.27 -4.10
C PHE B 64 -27.91 44.75 -3.99
N ARG B 74 -25.49 36.99 -9.79
CA ARG B 74 -26.15 37.46 -8.59
C ARG B 74 -25.23 37.32 -7.37
N PHE B 75 -25.27 38.30 -6.47
CA PHE B 75 -24.45 38.30 -5.27
C PHE B 75 -25.31 37.98 -4.06
N GLU B 76 -24.88 36.98 -3.28
CA GLU B 76 -25.56 36.61 -2.05
C GLU B 76 -24.77 37.15 -0.87
N LEU B 77 -25.46 37.76 0.07
CA LEU B 77 -24.84 38.41 1.22
C LEU B 77 -24.86 37.48 2.42
N LEU B 78 -23.68 37.07 2.88
CA LEU B 78 -23.54 36.23 4.07
C LEU B 78 -23.05 37.08 5.24
N LYS B 79 -23.87 37.19 6.29
CA LYS B 79 -23.52 37.98 7.46
C LYS B 79 -22.87 37.08 8.51
N MET B 80 -21.72 37.50 9.02
CA MET B 80 -21.06 36.69 10.04
C MET B 80 -21.93 36.56 11.30
N SER B 81 -22.75 37.56 11.59
CA SER B 81 -23.59 37.50 12.78
C SER B 81 -24.69 36.46 12.67
N GLU B 82 -24.97 35.97 11.47
CA GLU B 82 -26.01 34.97 11.23
C GLU B 82 -25.47 33.58 10.96
N LEU B 83 -24.15 33.39 10.99
CA LEU B 83 -23.55 32.11 10.65
C LEU B 83 -23.08 31.39 11.90
N GLN B 84 -23.26 30.07 11.92
CA GLN B 84 -22.67 29.23 12.95
C GLN B 84 -21.17 29.10 12.74
N PRO B 85 -20.42 28.85 13.81
CA PRO B 85 -18.95 28.73 13.68
C PRO B 85 -18.50 27.71 12.64
N ILE B 86 -19.21 26.59 12.50
CA ILE B 86 -18.80 25.58 11.52
C ILE B 86 -19.03 26.10 10.09
N GLU B 87 -20.04 26.94 9.90
CA GLU B 87 -20.28 27.50 8.57
C GLU B 87 -19.17 28.46 8.18
N LYS B 88 -18.70 29.27 9.14
CA LYS B 88 -17.57 30.15 8.87
C LYS B 88 -16.31 29.36 8.55
N ARG B 89 -16.05 28.28 9.30
CA ARG B 89 -14.86 27.48 9.06
C ARG B 89 -14.85 26.90 7.66
N VAL B 90 -16.01 26.42 7.19
CA VAL B 90 -16.11 25.85 5.86
C VAL B 90 -15.79 26.90 4.79
N LEU B 91 -16.25 28.14 5.00
CA LEU B 91 -15.96 29.21 4.04
C LEU B 91 -14.46 29.52 4.00
N VAL B 92 -13.81 29.48 5.16
CA VAL B 92 -12.35 29.62 5.21
C VAL B 92 -11.68 28.48 4.44
N GLU B 93 -12.12 27.24 4.67
CA GLU B 93 -11.45 26.09 4.04
C GLU B 93 -11.62 26.09 2.52
N LYS B 94 -12.72 26.64 2.01
CA LYS B 94 -12.92 26.79 0.57
C LYS B 94 -12.19 27.99 -0.02
N HIS B 95 -11.59 28.74 0.79
CA HIS B 95 -10.82 29.94 0.46
C HIS B 95 -11.68 31.17 0.13
N LEU B 96 -12.88 31.07 0.44
CA LEU B 96 -13.82 32.15 0.11
C LEU B 96 -13.72 33.33 1.06
N ILE B 97 -13.43 33.09 2.34
CA ILE B 97 -13.24 34.16 3.30
C ILE B 97 -11.96 33.88 4.07
N SER B 98 -11.49 34.90 4.74
CA SER B 98 -10.24 34.79 5.46
C SER B 98 -10.47 34.34 6.88
N PRO B 99 -9.46 33.73 7.51
CA PRO B 99 -9.57 33.38 8.93
C PRO B 99 -9.91 34.56 9.81
N HIS B 100 -9.42 35.76 9.48
CA HIS B 100 -9.72 36.93 10.28
C HIS B 100 -11.21 37.24 10.27
N LEU B 101 -11.84 37.14 9.10
CA LEU B 101 -13.29 37.38 9.03
C LEU B 101 -14.04 36.35 9.87
N ALA B 102 -13.63 35.09 9.81
CA ALA B 102 -14.37 34.03 10.50
C ALA B 102 -14.19 34.13 12.01
N GLU B 103 -13.04 34.58 12.49
CA GLU B 103 -12.73 34.49 13.91
C GLU B 103 -12.66 35.83 14.63
N ASP B 104 -12.52 36.95 13.92
CA ASP B 104 -12.27 38.23 14.57
C ASP B 104 -13.26 39.33 14.21
N SER B 105 -14.20 39.08 13.29
CA SER B 105 -15.15 40.09 12.81
C SER B 105 -16.57 39.66 13.13
N PRO B 106 -17.04 39.90 14.37
CA PRO B 106 -18.40 39.45 14.73
C PRO B 106 -19.48 40.04 13.84
N PHE B 107 -19.28 41.23 13.27
CA PHE B 107 -20.22 41.83 12.34
C PHE B 107 -19.65 41.95 10.93
N GLY B 108 -18.75 41.03 10.55
CA GLY B 108 -18.31 40.98 9.18
C GLY B 108 -19.36 40.41 8.25
N ALA B 109 -19.11 40.53 6.96
CA ALA B 109 -20.00 39.97 5.97
C ALA B 109 -19.21 39.58 4.73
N CYS B 110 -19.85 38.82 3.86
CA CYS B 110 -19.23 38.45 2.59
C CYS B 110 -20.27 38.43 1.49
N LEU B 111 -20.01 39.19 0.42
CA LEU B 111 -20.82 39.12 -0.79
C LEU B 111 -20.18 38.12 -1.74
N LEU B 112 -20.89 37.03 -2.02
CA LEU B 112 -20.34 35.89 -2.74
C LEU B 112 -21.10 35.71 -4.04
N SER B 113 -20.37 35.66 -5.15
CA SER B 113 -21.01 35.42 -6.43
C SER B 113 -21.50 33.97 -6.51
N GLU B 114 -22.50 33.75 -7.37
CA GLU B 114 -23.11 32.43 -7.45
C GLU B 114 -22.09 31.37 -7.88
N ASN B 115 -21.16 31.73 -8.76
CA ASN B 115 -20.11 30.80 -9.17
C ASN B 115 -18.88 30.85 -8.25
N GLU B 116 -18.93 31.62 -7.17
CA GLU B 116 -17.88 31.73 -6.15
C GLU B 116 -16.57 32.28 -6.70
N GLU B 117 -16.60 32.87 -7.90
CA GLU B 117 -15.42 33.55 -8.45
C GLU B 117 -15.10 34.82 -7.67
N ILE B 118 -16.12 35.55 -7.25
CA ILE B 118 -15.97 36.86 -6.62
C ILE B 118 -16.40 36.78 -5.17
N SER B 119 -15.60 37.37 -4.28
CA SER B 119 -15.92 37.44 -2.85
C SER B 119 -15.52 38.81 -2.35
N ILE B 120 -16.49 39.59 -1.86
CA ILE B 120 -16.24 40.89 -1.26
C ILE B 120 -16.42 40.74 0.25
N MET B 121 -15.31 40.75 0.98
CA MET B 121 -15.36 40.68 2.44
C MET B 121 -15.55 42.08 3.02
N ILE B 122 -16.40 42.17 4.04
CA ILE B 122 -16.76 43.44 4.66
C ILE B 122 -16.40 43.39 6.13
N ASN B 123 -15.74 44.44 6.62
CA ASN B 123 -15.35 44.56 8.03
C ASN B 123 -14.32 43.50 8.43
N GLU B 124 -13.35 43.21 7.55
CA GLU B 124 -12.22 42.41 7.98
C GLU B 124 -11.18 43.32 8.64
N GLU B 125 -9.95 43.27 8.13
CA GLU B 125 -8.85 44.13 8.58
C GLU B 125 -9.17 45.54 8.13
N ASP B 126 -9.80 45.63 6.97
CA ASP B 126 -10.23 46.86 6.37
C ASP B 126 -11.73 46.76 6.08
N HIS B 127 -12.38 47.89 5.83
CA HIS B 127 -13.82 47.87 5.61
C HIS B 127 -14.19 47.02 4.42
N ILE B 128 -13.43 47.13 3.34
CA ILE B 128 -13.72 46.37 2.14
C ILE B 128 -12.52 45.62 1.58
N ARG B 129 -12.69 44.32 1.33
CA ARG B 129 -11.64 43.56 0.68
C ARG B 129 -12.27 42.82 -0.51
N ILE B 130 -11.88 43.21 -1.71
CA ILE B 130 -12.39 42.61 -2.93
C ILE B 130 -11.48 41.44 -3.30
N GLN B 131 -12.06 40.24 -3.45
CA GLN B 131 -11.29 39.07 -3.86
C GLN B 131 -11.85 38.48 -5.14
N CYS B 132 -10.95 38.23 -6.10
CA CYS B 132 -11.27 37.50 -7.33
CA CYS B 132 -11.27 37.50 -7.33
C CYS B 132 -10.38 36.27 -7.42
N LEU B 133 -11.01 35.10 -7.59
CA LEU B 133 -10.31 33.83 -7.65
CA LEU B 133 -10.32 33.82 -7.63
C LEU B 133 -10.58 33.16 -8.98
N PHE B 134 -9.51 32.76 -9.67
CA PHE B 134 -9.57 32.13 -10.99
C PHE B 134 -8.81 30.81 -10.99
N PRO B 135 -9.28 29.80 -11.70
CA PRO B 135 -8.52 28.54 -11.80
C PRO B 135 -7.33 28.67 -12.73
N GLY B 136 -6.27 27.95 -12.40
CA GLY B 136 -5.07 28.03 -13.22
C GLY B 136 -4.40 29.39 -13.08
N LEU B 137 -3.55 29.70 -14.05
CA LEU B 137 -2.77 30.94 -14.05
C LEU B 137 -3.50 31.99 -14.90
N GLN B 138 -4.22 32.89 -14.22
CA GLN B 138 -5.02 33.92 -14.87
C GLN B 138 -4.97 35.22 -14.05
N LEU B 139 -3.75 35.70 -13.82
CA LEU B 139 -3.57 36.87 -12.97
C LEU B 139 -4.14 38.14 -13.62
N ALA B 140 -3.91 38.32 -14.93
CA ALA B 140 -4.42 39.50 -15.60
C ALA B 140 -5.94 39.48 -15.66
N GLU B 141 -6.53 38.31 -15.92
CA GLU B 141 -7.98 38.19 -15.93
C GLU B 141 -8.57 38.49 -14.56
N ALA B 142 -7.93 38.00 -13.50
CA ALA B 142 -8.43 38.24 -12.16
C ALA B 142 -8.30 39.72 -11.77
N LEU B 143 -7.21 40.36 -12.21
CA LEU B 143 -7.02 41.78 -11.91
C LEU B 143 -8.05 42.64 -12.63
N GLU B 144 -8.42 42.26 -13.86
CA GLU B 144 -9.43 43.01 -14.60
C GLU B 144 -10.80 42.89 -13.93
N ALA B 145 -11.18 41.66 -13.55
CA ALA B 145 -12.45 41.48 -12.87
C ALA B 145 -12.49 42.23 -11.53
N ALA B 146 -11.37 42.20 -10.80
CA ALA B 146 -11.31 42.91 -9.53
C ALA B 146 -11.35 44.42 -9.74
N SER B 147 -10.73 44.90 -10.81
CA SER B 147 -10.72 46.34 -11.10
C SER B 147 -12.11 46.83 -11.52
N GLU B 148 -12.84 46.03 -12.30
CA GLU B 148 -14.19 46.40 -12.69
C GLU B 148 -15.09 46.54 -11.47
N LEU B 149 -14.97 45.60 -10.53
CA LEU B 149 -15.76 45.66 -9.31
C LEU B 149 -15.29 46.80 -8.40
N ASP B 150 -13.98 47.06 -8.38
CA ASP B 150 -13.44 48.19 -7.62
C ASP B 150 -14.03 49.51 -8.09
N ASP B 151 -14.02 49.73 -9.41
CA ASP B 151 -14.60 50.96 -9.95
C ASP B 151 -16.09 51.05 -9.62
N TRP B 152 -16.81 49.93 -9.73
CA TRP B 152 -18.24 49.94 -9.47
C TRP B 152 -18.55 50.27 -8.02
N ILE B 153 -17.81 49.67 -7.08
CA ILE B 153 -17.99 50.00 -5.67
C ILE B 153 -17.64 51.46 -5.42
N GLU B 154 -16.63 51.98 -6.12
CA GLU B 154 -16.22 53.37 -5.93
C GLU B 154 -17.32 54.33 -6.38
N GLY B 155 -18.25 53.88 -7.21
CA GLY B 155 -19.40 54.70 -7.56
C GLY B 155 -20.45 54.81 -6.48
N HIS B 156 -20.33 54.03 -5.41
CA HIS B 156 -21.30 54.05 -4.33
C HIS B 156 -20.72 54.46 -2.98
N VAL B 157 -19.41 54.37 -2.79
CA VAL B 157 -18.75 54.87 -1.59
C VAL B 157 -17.56 55.71 -2.00
N ASN B 158 -16.95 56.36 -1.02
CA ASN B 158 -15.75 57.16 -1.22
C ASN B 158 -14.61 56.53 -0.44
N TYR B 159 -13.57 56.11 -1.15
CA TYR B 159 -12.44 55.45 -0.50
C TYR B 159 -11.58 56.47 0.24
N ALA B 160 -11.06 56.07 1.41
CA ALA B 160 -10.00 56.82 2.06
C ALA B 160 -8.70 56.68 1.26
N PHE B 161 -8.24 57.80 0.67
CA PHE B 161 -7.09 57.78 -0.22
C PHE B 161 -6.22 59.01 0.02
N ASP B 162 -4.91 58.80 0.16
CA ASP B 162 -3.93 59.86 0.30
C ASP B 162 -3.07 59.92 -0.95
N GLU B 163 -2.79 61.13 -1.44
CA GLU B 163 -2.12 61.26 -2.73
C GLU B 163 -0.73 60.64 -2.72
N ARG B 164 -0.06 60.60 -1.58
CA ARG B 164 1.28 60.02 -1.48
C ARG B 164 1.28 58.60 -0.92
N LEU B 165 0.41 58.29 0.03
CA LEU B 165 0.39 56.98 0.67
C LEU B 165 -0.61 56.01 0.07
N GLY B 166 -1.41 56.45 -0.89
CA GLY B 166 -2.37 55.55 -1.52
C GLY B 166 -3.59 55.28 -0.64
N TYR B 167 -4.19 54.11 -0.83
CA TYR B 167 -5.38 53.76 -0.07
C TYR B 167 -5.03 53.60 1.41
N LEU B 168 -5.70 54.37 2.27
CA LEU B 168 -5.43 54.30 3.70
C LEU B 168 -5.86 52.94 4.25
N THR B 169 -4.96 52.32 5.02
CA THR B 169 -5.21 51.01 5.60
CA THR B 169 -5.23 51.02 5.61
C THR B 169 -4.53 50.94 6.96
N SER B 170 -4.96 49.96 7.76
CA SER B 170 -4.32 49.70 9.04
C SER B 170 -3.23 48.64 8.96
N CYS B 171 -3.30 47.77 7.96
CA CYS B 171 -2.33 46.68 7.83
C CYS B 171 -1.11 47.18 7.07
N PRO B 172 0.10 47.08 7.64
CA PRO B 172 1.28 47.53 6.91
C PRO B 172 1.52 46.80 5.60
N THR B 173 1.09 45.54 5.48
CA THR B 173 1.29 44.78 4.26
C THR B 173 0.37 45.22 3.12
N ASN B 174 -0.53 46.15 3.36
CA ASN B 174 -1.43 46.65 2.32
C ASN B 174 -1.14 48.09 1.91
N VAL B 175 -0.19 48.76 2.56
CA VAL B 175 0.03 50.19 2.34
C VAL B 175 0.32 50.47 0.87
N GLY B 176 -0.27 51.54 0.34
CA GLY B 176 -0.07 51.92 -1.04
C GLY B 176 -1.24 51.53 -1.94
N THR B 177 -1.07 50.47 -2.73
CA THR B 177 -2.11 50.02 -3.63
C THR B 177 -3.20 49.23 -2.93
N GLY B 178 -2.93 48.68 -1.75
CA GLY B 178 -3.84 47.73 -1.17
C GLY B 178 -3.99 46.45 -1.99
N LEU B 179 -3.05 46.15 -2.86
CA LEU B 179 -3.15 44.99 -3.75
C LEU B 179 -2.32 43.84 -3.21
N ARG B 180 -2.94 42.66 -3.11
CA ARG B 180 -2.24 41.41 -2.87
C ARG B 180 -2.58 40.49 -4.04
N ALA B 181 -1.56 40.09 -4.78
CA ALA B 181 -1.71 39.14 -5.88
C ALA B 181 -1.02 37.85 -5.49
N SER B 182 -1.66 36.71 -5.76
CA SER B 182 -1.18 35.44 -5.23
C SER B 182 -1.43 34.32 -6.23
N VAL B 183 -0.52 33.34 -6.26
CA VAL B 183 -0.68 32.15 -7.09
C VAL B 183 -0.43 30.93 -6.20
N MET B 184 -1.31 29.94 -6.29
CA MET B 184 -1.17 28.69 -5.55
C MET B 184 -0.66 27.60 -6.51
N MET B 185 0.46 26.99 -6.16
CA MET B 185 1.18 26.10 -7.05
C MET B 185 1.45 24.77 -6.36
N HIS B 186 1.44 23.69 -7.15
CA HIS B 186 1.78 22.35 -6.66
C HIS B 186 3.17 22.02 -7.19
N LEU B 187 4.14 21.89 -6.30
CA LEU B 187 5.53 21.74 -6.72
C LEU B 187 6.15 20.47 -6.16
N PRO B 188 5.56 19.29 -6.40
CA PRO B 188 6.11 18.07 -5.82
C PRO B 188 7.51 17.70 -6.30
N ALA B 189 7.86 18.01 -7.56
CA ALA B 189 9.18 17.61 -8.05
C ALA B 189 10.28 18.51 -7.49
N LEU B 190 10.01 19.80 -7.33
CA LEU B 190 11.00 20.67 -6.70
C LEU B 190 11.17 20.36 -5.22
N VAL B 191 10.12 19.86 -4.57
CA VAL B 191 10.26 19.43 -3.18
C VAL B 191 11.05 18.13 -3.09
N LEU B 192 10.67 17.15 -3.93
CA LEU B 192 11.31 15.84 -3.86
C LEU B 192 12.80 15.93 -4.19
N THR B 193 13.17 16.75 -5.18
CA THR B 193 14.59 16.98 -5.45
C THR B 193 15.20 18.07 -4.56
N GLN B 194 14.43 18.61 -3.62
CA GLN B 194 14.92 19.51 -2.57
C GLN B 194 15.53 20.79 -3.15
N GLN B 195 14.78 21.41 -4.06
CA GLN B 195 15.14 22.70 -4.63
C GLN B 195 14.48 23.87 -3.92
N ILE B 196 13.58 23.61 -2.98
CA ILE B 196 12.70 24.67 -2.48
C ILE B 196 13.49 25.68 -1.65
N ASN B 197 14.28 25.21 -0.70
CA ASN B 197 15.04 26.14 0.15
C ASN B 197 16.09 26.93 -0.62
N ARG B 198 16.38 26.58 -1.88
CA ARG B 198 17.20 27.44 -2.72
C ARG B 198 16.37 28.48 -3.47
N ILE B 199 15.19 28.09 -3.95
CA ILE B 199 14.39 28.99 -4.78
C ILE B 199 13.78 30.10 -3.93
N ILE B 200 13.34 29.76 -2.71
CA ILE B 200 12.67 30.76 -1.87
C ILE B 200 13.54 31.99 -1.60
N PRO B 201 14.81 31.85 -1.16
CA PRO B 201 15.67 33.04 -1.08
C PRO B 201 15.82 33.78 -2.40
N ALA B 202 15.82 33.05 -3.53
CA ALA B 202 15.93 33.71 -4.82
C ALA B 202 14.67 34.51 -5.15
N ILE B 203 13.50 34.00 -4.72
CA ILE B 203 12.23 34.65 -4.99
C ILE B 203 12.04 35.86 -4.08
N ASN B 204 12.43 35.74 -2.80
CA ASN B 204 12.37 36.87 -1.87
C ASN B 204 13.19 38.04 -2.40
N GLN B 205 14.40 37.76 -2.89
CA GLN B 205 15.23 38.80 -3.48
C GLN B 205 14.49 39.52 -4.60
N LEU B 206 13.68 38.79 -5.36
CA LEU B 206 12.96 39.37 -6.49
C LEU B 206 11.69 40.11 -6.08
N GLY B 207 11.41 40.22 -4.78
CA GLY B 207 10.28 40.99 -4.30
C GLY B 207 9.00 40.23 -4.00
N LEU B 208 9.09 38.92 -3.74
CA LEU B 208 7.90 38.09 -3.51
C LEU B 208 8.08 37.26 -2.25
N VAL B 209 6.97 36.75 -1.72
CA VAL B 209 7.00 35.93 -0.52
C VAL B 209 6.37 34.58 -0.86
N VAL B 210 6.81 33.55 -0.15
CA VAL B 210 6.36 32.17 -0.37
C VAL B 210 5.90 31.61 0.97
N ARG B 211 4.71 31.01 0.98
CA ARG B 211 4.22 30.33 2.16
C ARG B 211 3.58 29.01 1.76
N GLY B 212 3.60 28.06 2.68
CA GLY B 212 2.83 26.83 2.47
C GLY B 212 1.37 27.09 2.78
N THR B 213 0.50 26.56 1.92
CA THR B 213 -0.93 26.73 2.14
C THR B 213 -1.40 25.95 3.36
N TYR B 214 -0.89 24.74 3.54
CA TYR B 214 -1.34 23.84 4.59
C TYR B 214 -0.21 23.50 5.56
N GLY B 215 -0.59 23.29 6.81
CA GLY B 215 0.36 23.03 7.87
C GLY B 215 0.61 24.26 8.72
N GLU B 216 1.50 24.10 9.69
CA GLU B 216 1.84 25.16 10.62
C GLU B 216 3.31 25.53 10.46
N GLY B 217 3.59 26.83 10.48
CA GLY B 217 4.95 27.31 10.40
C GLY B 217 5.57 27.18 9.02
N SER B 218 6.71 26.50 8.95
CA SER B 218 7.47 26.37 7.71
C SER B 218 7.01 25.22 6.83
N GLU B 219 6.18 24.31 7.35
CA GLU B 219 5.78 23.15 6.56
C GLU B 219 4.73 23.53 5.53
N ALA B 220 4.73 22.80 4.41
CA ALA B 220 3.83 23.04 3.28
C ALA B 220 3.23 21.68 2.91
N LEU B 221 2.21 21.27 3.66
CA LEU B 221 1.63 19.95 3.44
C LEU B 221 1.05 19.83 2.05
N GLY B 222 1.23 18.66 1.43
CA GLY B 222 0.77 18.44 0.08
C GLY B 222 1.61 19.10 -0.98
N ASN B 223 2.72 19.74 -0.61
CA ASN B 223 3.62 20.42 -1.54
C ASN B 223 2.92 21.54 -2.29
N ILE B 224 1.97 22.20 -1.63
CA ILE B 224 1.21 23.30 -2.21
C ILE B 224 1.71 24.60 -1.63
N PHE B 225 2.14 25.52 -2.50
CA PHE B 225 2.76 26.76 -2.09
C PHE B 225 1.99 27.95 -2.64
N GLN B 226 1.96 29.04 -1.88
CA GLN B 226 1.38 30.30 -2.36
C GLN B 226 2.51 31.31 -2.54
N ILE B 227 2.59 31.89 -3.74
CA ILE B 227 3.56 32.91 -4.10
C ILE B 227 2.82 34.23 -4.27
N SER B 228 3.27 35.27 -3.59
CA SER B 228 2.55 36.53 -3.61
C SER B 228 3.51 37.71 -3.55
N ASN B 229 3.01 38.89 -3.90
CA ASN B 229 3.85 40.08 -3.88
C ASN B 229 4.13 40.55 -2.45
N GLN B 230 5.36 41.02 -2.23
CA GLN B 230 5.72 41.70 -1.00
CA GLN B 230 5.69 41.69 -0.98
C GLN B 230 5.55 43.21 -1.10
N ILE B 231 5.74 43.75 -2.29
CA ILE B 231 5.72 45.19 -2.50
C ILE B 231 4.30 45.63 -2.84
N THR B 232 3.79 46.63 -2.13
CA THR B 232 2.49 47.20 -2.42
C THR B 232 2.52 48.70 -2.65
N LEU B 233 3.52 49.40 -2.12
CA LEU B 233 3.63 50.86 -2.20
C LEU B 233 4.73 51.25 -3.17
N GLY B 234 4.39 52.06 -4.18
CA GLY B 234 5.36 52.64 -5.09
C GLY B 234 5.45 51.98 -6.45
N LYS B 235 4.89 50.78 -6.60
CA LYS B 235 4.83 50.10 -7.88
C LYS B 235 3.38 50.03 -8.35
N SER B 236 3.17 50.14 -9.66
CA SER B 236 1.83 50.08 -10.21
CA SER B 236 1.82 50.09 -10.19
C SER B 236 1.22 48.70 -10.01
N GLU B 237 -0.12 48.64 -10.04
CA GLU B 237 -0.80 47.35 -9.90
C GLU B 237 -0.47 46.42 -11.06
N GLU B 238 -0.38 46.97 -12.27
CA GLU B 238 -0.04 46.13 -13.42
C GLU B 238 1.39 45.62 -13.32
N ASP B 239 2.32 46.46 -12.86
CA ASP B 239 3.71 46.01 -12.74
C ASP B 239 3.86 44.96 -11.63
N ILE B 240 3.11 45.09 -10.54
CA ILE B 240 3.14 44.08 -9.49
C ILE B 240 2.71 42.72 -10.05
N VAL B 241 1.60 42.71 -10.80
CA VAL B 241 1.08 41.45 -11.32
C VAL B 241 1.99 40.90 -12.42
N ALA B 242 2.48 41.78 -13.29
CA ALA B 242 3.37 41.35 -14.36
C ALA B 242 4.64 40.72 -13.81
N ASP B 243 5.23 41.29 -12.76
CA ASP B 243 6.42 40.71 -12.16
C ASP B 243 6.13 39.34 -11.55
N LEU B 244 5.02 39.24 -10.80
CA LEU B 244 4.63 37.94 -10.23
C LEU B 244 4.48 36.89 -11.33
N HIS B 245 3.73 37.23 -12.38
CA HIS B 245 3.46 36.30 -13.47
C HIS B 245 4.75 35.78 -14.09
N THR B 246 5.74 36.65 -14.28
CA THR B 246 6.99 36.23 -14.91
C THR B 246 7.74 35.23 -14.03
N ILE B 247 7.72 35.45 -12.71
CA ILE B 247 8.46 34.51 -11.86
C ILE B 247 7.69 33.20 -11.70
N VAL B 248 6.35 33.26 -11.69
CA VAL B 248 5.56 32.02 -11.70
C VAL B 248 5.88 31.19 -12.93
N GLU B 249 5.98 31.84 -14.10
CA GLU B 249 6.28 31.11 -15.33
C GLU B 249 7.66 30.46 -15.27
N GLN B 250 8.62 31.11 -14.61
CA GLN B 250 9.92 30.46 -14.42
C GLN B 250 9.80 29.26 -13.50
N LEU B 251 8.98 29.37 -12.45
CA LEU B 251 8.74 28.23 -11.55
C LEU B 251 8.04 27.09 -12.28
N ILE B 252 7.08 27.43 -13.15
CA ILE B 252 6.38 26.39 -13.92
C ILE B 252 7.37 25.61 -14.77
N ALA B 253 8.25 26.32 -15.49
CA ALA B 253 9.21 25.65 -16.36
C ALA B 253 10.16 24.77 -15.56
N GLN B 254 10.59 25.24 -14.38
CA GLN B 254 11.52 24.49 -13.57
C GLN B 254 10.86 23.24 -12.99
N GLU B 255 9.62 23.35 -12.53
CA GLU B 255 8.89 22.18 -12.03
C GLU B 255 8.67 21.16 -13.15
N ARG B 256 8.22 21.61 -14.33
CA ARG B 256 8.00 20.68 -15.43
C ARG B 256 9.28 19.98 -15.85
N ALA B 257 10.41 20.69 -15.82
CA ALA B 257 11.68 20.07 -16.19
C ALA B 257 12.14 19.09 -15.13
N ALA B 258 11.89 19.39 -13.86
CA ALA B 258 12.26 18.46 -12.79
C ALA B 258 11.39 17.22 -12.82
N ARG B 259 10.13 17.36 -13.24
CA ARG B 259 9.29 16.17 -13.42
C ARG B 259 9.82 15.28 -14.53
N GLN B 260 10.14 15.87 -15.68
CA GLN B 260 10.68 15.09 -16.77
CA GLN B 260 10.70 15.11 -16.79
C GLN B 260 12.01 14.45 -16.40
N ALA B 261 12.83 15.14 -15.59
CA ALA B 261 14.10 14.59 -15.15
C ALA B 261 13.90 13.43 -14.18
N LEU B 262 12.90 13.52 -13.30
CA LEU B 262 12.58 12.41 -12.41
C LEU B 262 12.17 11.17 -13.20
N VAL B 263 11.40 11.37 -14.28
CA VAL B 263 10.98 10.22 -15.09
C VAL B 263 12.18 9.55 -15.73
N LYS B 264 13.12 10.35 -16.27
CA LYS B 264 14.29 9.75 -16.89
C LYS B 264 15.19 9.05 -15.87
N THR B 265 15.31 9.60 -14.66
CA THR B 265 16.20 9.02 -13.66
C THR B 265 15.60 7.79 -12.99
N LEU B 266 14.31 7.85 -12.65
CA LEU B 266 13.70 6.82 -11.82
C LEU B 266 12.88 5.80 -12.60
N GLY B 267 12.21 6.21 -13.69
CA GLY B 267 11.37 5.31 -14.45
C GLY B 267 10.35 4.56 -13.62
N ILE B 268 10.42 3.22 -13.67
CA ILE B 268 9.43 2.38 -13.01
C ILE B 268 9.42 2.61 -11.50
N GLN B 269 10.54 3.05 -10.92
CA GLN B 269 10.55 3.35 -9.48
C GLN B 269 9.64 4.52 -9.13
N LEU B 270 9.50 5.48 -10.06
CA LEU B 270 8.59 6.59 -9.81
C LEU B 270 7.14 6.17 -10.00
N GLU B 271 6.87 5.36 -11.04
CA GLU B 271 5.54 4.78 -11.19
C GLU B 271 5.13 3.99 -9.96
N ASP B 272 6.09 3.26 -9.38
CA ASP B 272 5.82 2.50 -8.17
C ASP B 272 5.48 3.42 -7.00
N LYS B 273 6.20 4.54 -6.88
CA LYS B 273 5.96 5.45 -5.76
C LYS B 273 4.54 6.02 -5.80
N VAL B 274 4.08 6.44 -6.98
CA VAL B 274 2.78 7.09 -7.03
C VAL B 274 1.65 6.07 -6.90
N PHE B 275 1.83 4.85 -7.43
CA PHE B 275 0.77 3.86 -7.30
C PHE B 275 0.69 3.31 -5.88
N ARG B 276 1.81 3.24 -5.17
CA ARG B 276 1.72 2.82 -3.77
C ARG B 276 0.94 3.83 -2.95
N SER B 277 1.16 5.13 -3.18
CA SER B 277 0.37 6.14 -2.47
C SER B 277 -1.11 6.04 -2.85
N TYR B 278 -1.40 5.74 -4.12
CA TYR B 278 -2.79 5.49 -4.50
C TYR B 278 -3.34 4.29 -3.74
N GLY B 279 -2.57 3.20 -3.66
CA GLY B 279 -3.04 2.01 -2.99
C GLY B 279 -3.36 2.25 -1.53
N ILE B 280 -2.54 3.06 -0.87
CA ILE B 280 -2.81 3.42 0.53
CA ILE B 280 -2.80 3.42 0.53
C ILE B 280 -4.10 4.22 0.64
N LEU B 281 -4.22 5.28 -0.17
CA LEU B 281 -5.41 6.13 -0.07
C LEU B 281 -6.68 5.37 -0.41
N ALA B 282 -6.61 4.42 -1.37
CA ALA B 282 -7.80 3.71 -1.78
C ALA B 282 -8.27 2.70 -0.74
N ASN B 283 -7.41 2.29 0.19
CA ASN B 283 -7.72 1.16 1.06
C ASN B 283 -7.49 1.39 2.55
N CYS B 284 -6.71 2.38 2.96
CA CYS B 284 -6.40 2.50 4.38
C CYS B 284 -7.64 2.82 5.21
N ARG B 285 -7.57 2.48 6.50
CA ARG B 285 -8.65 2.76 7.43
C ARG B 285 -8.32 3.85 8.45
N VAL B 286 -7.05 4.23 8.58
CA VAL B 286 -6.62 5.29 9.50
C VAL B 286 -5.53 6.09 8.81
N ILE B 287 -5.70 7.40 8.70
CA ILE B 287 -4.63 8.21 8.10
C ILE B 287 -4.64 9.61 8.70
N ASP B 288 -3.45 10.09 9.06
CA ASP B 288 -3.33 11.42 9.64
C ASP B 288 -3.21 12.48 8.55
N SER B 289 -3.23 13.75 8.98
CA SER B 289 -3.19 14.86 8.03
CA SER B 289 -3.19 14.85 8.03
C SER B 289 -1.90 14.84 7.21
N LYS B 290 -0.77 14.55 7.84
CA LYS B 290 0.51 14.66 7.14
C LYS B 290 0.66 13.57 6.08
N GLU B 291 0.31 12.33 6.42
CA GLU B 291 0.44 11.27 5.43
C GLU B 291 -0.59 11.43 4.32
N ALA B 292 -1.80 11.88 4.64
CA ALA B 292 -2.83 12.05 3.61
C ALA B 292 -2.37 13.08 2.59
N ALA B 293 -1.81 14.20 3.06
CA ALA B 293 -1.38 15.24 2.15
C ALA B 293 -0.22 14.77 1.27
N GLN B 294 0.72 14.02 1.85
CA GLN B 294 1.83 13.52 1.05
C GLN B 294 1.35 12.54 -0.01
N CYS B 295 0.47 11.60 0.37
CA CYS B 295 -0.04 10.63 -0.60
C CYS B 295 -0.86 11.31 -1.68
N LEU B 296 -1.70 12.28 -1.30
CA LEU B 296 -2.50 13.03 -2.26
C LEU B 296 -1.61 13.76 -3.26
N SER B 297 -0.53 14.38 -2.77
CA SER B 297 0.42 15.01 -3.70
C SER B 297 1.06 13.98 -4.64
N ASP B 298 1.43 12.81 -4.11
CA ASP B 298 1.99 11.74 -4.95
C ASP B 298 1.03 11.30 -6.04
N VAL B 299 -0.25 11.14 -5.69
CA VAL B 299 -1.23 10.69 -6.67
C VAL B 299 -1.44 11.74 -7.75
N ARG B 300 -1.48 13.01 -7.37
CA ARG B 300 -1.62 14.08 -8.37
C ARG B 300 -0.42 14.08 -9.31
N LEU B 301 0.79 13.91 -8.77
CA LEU B 301 1.96 13.80 -9.62
C LEU B 301 1.82 12.63 -10.59
N GLY B 302 1.34 11.49 -10.09
CA GLY B 302 1.19 10.32 -10.96
C GLY B 302 0.15 10.55 -12.05
N ILE B 303 -0.88 11.34 -11.75
CA ILE B 303 -1.87 11.70 -12.76
C ILE B 303 -1.24 12.64 -13.78
N ASP B 304 -0.54 13.67 -13.30
CA ASP B 304 0.10 14.64 -14.20
C ASP B 304 1.07 13.96 -15.15
N LEU B 305 1.81 12.97 -14.67
CA LEU B 305 2.79 12.27 -15.48
C LEU B 305 2.19 11.17 -16.35
N GLY B 306 0.89 10.91 -16.24
CA GLY B 306 0.23 9.92 -17.07
C GLY B 306 0.41 8.48 -16.63
N TYR B 307 0.90 8.24 -15.41
CA TYR B 307 0.96 6.88 -14.89
C TYR B 307 -0.41 6.43 -14.40
N ILE B 308 -1.08 7.29 -13.64
CA ILE B 308 -2.42 7.04 -13.14
C ILE B 308 -3.39 7.66 -14.13
N LYS B 309 -4.15 6.83 -14.84
CA LYS B 309 -4.92 7.29 -15.99
C LYS B 309 -6.42 7.32 -15.75
N ASN B 310 -6.89 6.88 -14.58
CA ASN B 310 -8.32 6.76 -14.35
C ASN B 310 -8.79 7.54 -13.13
N VAL B 311 -8.08 8.60 -12.77
CA VAL B 311 -8.44 9.44 -11.63
C VAL B 311 -8.29 10.90 -12.03
N SER B 312 -9.34 11.68 -11.81
CA SER B 312 -9.30 13.10 -12.17
C SER B 312 -8.25 13.84 -11.34
N ARG B 313 -7.49 14.71 -11.99
CA ARG B 313 -6.45 15.43 -11.28
C ARG B 313 -7.01 16.38 -10.23
N ASN B 314 -8.30 16.69 -10.28
CA ASN B 314 -8.93 17.56 -9.29
C ASN B 314 -9.01 16.94 -7.89
N ILE B 315 -8.63 15.67 -7.73
CA ILE B 315 -8.72 15.07 -6.41
CA ILE B 315 -8.67 15.02 -6.43
C ILE B 315 -7.80 15.77 -5.42
N LEU B 316 -6.66 16.28 -5.89
CA LEU B 316 -5.78 17.01 -4.98
C LEU B 316 -6.47 18.25 -4.46
N ASN B 317 -7.05 19.05 -5.36
CA ASN B 317 -7.71 20.28 -4.97
C ASN B 317 -8.89 19.99 -4.04
N GLU B 318 -9.74 19.04 -4.44
CA GLU B 318 -10.97 18.80 -3.69
C GLU B 318 -10.69 18.12 -2.36
N LEU B 319 -9.83 17.09 -2.35
CA LEU B 319 -9.65 16.31 -1.13
C LEU B 319 -8.80 17.04 -0.10
N MET B 320 -7.88 17.91 -0.52
CA MET B 320 -7.18 18.72 0.47
C MET B 320 -8.17 19.58 1.24
N ILE B 321 -9.21 20.07 0.56
CA ILE B 321 -10.21 20.93 1.19
C ILE B 321 -11.21 20.11 2.01
N LEU B 322 -11.73 19.04 1.42
CA LEU B 322 -12.75 18.23 2.09
C LEU B 322 -12.23 17.54 3.34
N THR B 323 -10.91 17.38 3.50
CA THR B 323 -10.37 16.72 4.68
C THR B 323 -9.88 17.71 5.74
N GLN B 324 -10.12 19.01 5.54
CA GLN B 324 -9.87 20.00 6.58
C GLN B 324 -10.90 19.82 7.70
N PRO B 325 -10.58 20.30 8.91
CA PRO B 325 -11.41 19.95 10.09
C PRO B 325 -12.88 20.29 9.93
N GLY B 326 -13.20 21.41 9.29
CA GLY B 326 -14.60 21.83 9.19
C GLY B 326 -15.41 20.95 8.24
N PHE B 327 -14.89 20.73 7.02
CA PHE B 327 -15.57 19.82 6.11
C PHE B 327 -15.63 18.41 6.67
N LEU B 328 -14.58 17.99 7.39
CA LEU B 328 -14.57 16.63 7.91
C LEU B 328 -15.67 16.43 8.96
N GLN B 329 -15.87 17.44 9.81
CA GLN B 329 -17.00 17.41 10.75
C GLN B 329 -18.33 17.41 10.03
N GLN B 330 -18.45 18.18 8.94
CA GLN B 330 -19.66 18.13 8.13
C GLN B 330 -19.87 16.75 7.54
N TYR B 331 -18.81 16.14 7.03
CA TYR B 331 -18.92 14.80 6.46
C TYR B 331 -19.38 13.80 7.50
N ALA B 332 -18.92 13.96 8.75
CA ALA B 332 -19.22 12.99 9.79
C ALA B 332 -20.60 13.20 10.39
N GLY B 333 -21.08 14.43 10.43
CA GLY B 333 -22.35 14.75 11.04
C GLY B 333 -22.26 15.30 12.44
N GLY B 334 -21.06 15.38 13.02
CA GLY B 334 -20.93 15.94 14.35
C GLY B 334 -19.46 16.14 14.69
N VAL B 335 -19.23 16.68 15.89
CA VAL B 335 -17.87 16.93 16.35
C VAL B 335 -17.12 15.61 16.51
N LEU B 336 -15.80 15.67 16.31
CA LEU B 336 -14.95 14.48 16.22
C LEU B 336 -13.81 14.56 17.22
N ARG B 337 -13.60 13.48 17.95
CA ARG B 337 -12.40 13.32 18.77
C ARG B 337 -11.17 13.17 17.87
N PRO B 338 -9.97 13.47 18.39
CA PRO B 338 -8.75 13.35 17.56
C PRO B 338 -8.55 12.00 16.88
N GLU B 339 -8.81 10.89 17.57
CA GLU B 339 -8.60 9.59 16.94
C GLU B 339 -9.68 9.26 15.93
N GLU B 340 -10.92 9.69 16.18
CA GLU B 340 -11.98 9.50 15.20
C GLU B 340 -11.74 10.31 13.94
N ARG B 341 -10.97 11.39 14.03
CA ARG B 341 -10.69 12.21 12.85
C ARG B 341 -9.88 11.43 11.82
N ASP B 342 -8.91 10.63 12.27
CA ASP B 342 -8.11 9.90 11.29
C ASP B 342 -8.90 8.78 10.63
N VAL B 343 -9.90 8.23 11.33
CA VAL B 343 -10.76 7.22 10.74
C VAL B 343 -11.71 7.83 9.71
N ARG B 344 -12.29 9.00 10.03
CA ARG B 344 -13.19 9.66 9.09
C ARG B 344 -12.44 10.18 7.87
N ARG B 345 -11.24 10.72 8.07
CA ARG B 345 -10.42 11.17 6.96
C ARG B 345 -10.19 10.03 5.98
N ALA B 346 -9.79 8.87 6.49
CA ALA B 346 -9.53 7.72 5.63
C ALA B 346 -10.80 7.29 4.88
N ALA B 347 -11.93 7.22 5.59
CA ALA B 347 -13.18 6.81 4.96
C ALA B 347 -13.59 7.76 3.85
N LEU B 348 -13.43 9.06 4.09
CA LEU B 348 -13.79 10.06 3.08
C LEU B 348 -12.97 9.88 1.81
N ILE B 349 -11.64 9.74 1.96
CA ILE B 349 -10.78 9.55 0.80
C ILE B 349 -11.12 8.25 0.07
N ARG B 350 -11.27 7.15 0.82
CA ARG B 350 -11.63 5.88 0.19
C ARG B 350 -12.88 6.02 -0.68
N GLU B 351 -13.91 6.66 -0.14
CA GLU B 351 -15.18 6.78 -0.86
C GLU B 351 -15.04 7.63 -2.12
N ARG B 352 -14.30 8.74 -2.02
CA ARG B 352 -14.06 9.57 -3.18
C ARG B 352 -13.29 8.80 -4.26
N LEU B 353 -12.29 8.02 -3.86
CA LEU B 353 -11.50 7.28 -4.84
C LEU B 353 -12.32 6.16 -5.47
N ARG B 354 -13.20 5.52 -4.69
CA ARG B 354 -14.12 4.56 -5.29
C ARG B 354 -15.01 5.22 -6.33
N MET B 355 -15.44 6.45 -6.07
CA MET B 355 -16.27 7.16 -7.02
C MET B 355 -15.54 7.26 -8.35
N GLU B 356 -14.25 7.57 -8.31
CA GLU B 356 -13.46 7.64 -9.54
C GLU B 356 -13.34 6.28 -10.23
N THR B 357 -13.11 5.23 -9.45
CA THR B 357 -12.95 3.88 -9.98
C THR B 357 -14.19 3.29 -10.65
N ARG B 358 -15.36 3.52 -10.07
CA ARG B 358 -16.59 2.98 -10.65
C ARG B 358 -16.86 3.54 -12.04
N LEU B 359 -16.57 4.83 -12.22
CA LEU B 359 -16.77 5.49 -13.51
C LEU B 359 -16.09 4.72 -14.63
C FMT C . 4.61 -29.83 5.76
O1 FMT C . 5.82 -29.67 5.92
O2 FMT C . 4.06 -29.87 4.65
C FMT D . 23.13 -36.78 5.48
O1 FMT D . 23.43 -36.16 6.48
O2 FMT D . 23.86 -37.62 4.92
C1 EDO E . 15.24 -34.01 5.10
O1 EDO E . 16.27 -34.73 5.79
C2 EDO E . 13.94 -34.11 5.90
O2 EDO E . 12.87 -34.53 5.03
C1 EDO F . -2.23 -21.60 -9.67
O1 EDO F . -1.12 -22.15 -10.42
C2 EDO F . -3.03 -22.74 -9.08
O2 EDO F . -2.24 -23.36 -8.06
C1 EDO G . 1.88 -1.80 4.66
O1 EDO G . 2.37 -3.11 4.29
C2 EDO G . 1.59 -1.74 6.16
O2 EDO G . 0.61 -2.74 6.49
C1 EDO H . 23.05 -39.25 -7.44
O1 EDO H . 22.08 -39.55 -8.44
C2 EDO H . 24.43 -39.39 -8.10
O2 EDO H . 24.38 -40.36 -9.15
C1 EDO I . 5.54 -48.44 8.53
O1 EDO I . 5.69 -48.61 7.11
C2 EDO I . 5.85 -47.00 8.89
O2 EDO I . 4.80 -46.49 9.72
C1 EDO J . 9.52 -24.22 -1.56
O1 EDO J . 10.37 -24.18 -0.41
C2 EDO J . 9.35 -22.83 -2.14
O2 EDO J . 7.98 -22.58 -2.52
C1 EDO K . 15.34 -21.38 5.32
O1 EDO K . 14.22 -21.89 4.60
C2 EDO K . 14.87 -20.71 6.60
O2 EDO K . 13.99 -19.63 6.28
C1 EDO L . 1.40 -31.19 -4.12
O1 EDO L . 0.18 -31.92 -4.21
C2 EDO L . 1.45 -30.10 -5.21
O2 EDO L . 0.47 -29.10 -4.93
C1 EDO M . -7.38 -9.70 25.79
O1 EDO M . -8.40 -9.53 26.79
C2 EDO M . -8.03 -9.99 24.45
O2 EDO M . -8.27 -11.41 24.31
C1 EDO N . -5.44 -25.97 -9.03
O1 EDO N . -6.17 -27.00 -9.71
C2 EDO N . -6.39 -25.19 -8.13
O2 EDO N . -7.26 -26.10 -7.46
C1 EDO O . -8.47 -36.51 1.96
O1 EDO O . -8.52 -36.69 3.38
C2 EDO O . -9.00 -35.12 1.57
O2 EDO O . -8.06 -34.09 1.90
C1 EDO P . 3.29 -22.03 0.71
O1 EDO P . 4.47 -22.72 0.23
C2 EDO P . 2.04 -22.64 0.07
O2 EDO P . 1.87 -24.00 0.48
C1 EDO Q . -7.35 -45.63 -3.49
O1 EDO Q . -8.19 -46.32 -4.42
C2 EDO Q . -5.90 -45.69 -3.96
O2 EDO Q . -5.44 -44.41 -4.42
C1 EDO R . 1.77 -17.38 -13.15
O1 EDO R . 2.40 -18.61 -13.54
C2 EDO R . 0.26 -17.49 -13.31
O2 EDO R . -0.36 -16.36 -12.68
C1 EDO S . -1.88 -42.98 11.85
O1 EDO S . -2.77 -43.41 10.83
C2 EDO S . -2.56 -43.09 13.21
O2 EDO S . -1.89 -42.24 14.14
N1 IMD T . 10.60 -55.70 8.73
C2 IMD T . 11.33 -55.65 7.59
N3 IMD T . 11.21 -54.41 7.06
C4 IMD T . 10.42 -53.68 7.87
C5 IMD T . 10.02 -54.50 8.92
C1 EDO U . -4.09 16.93 4.97
O1 EDO U . -4.90 16.11 4.11
C2 EDO U . -4.36 18.41 4.69
O2 EDO U . -3.97 19.21 5.83
C1 EDO V . -6.48 23.36 -2.33
O1 EDO V . -6.43 24.00 -1.05
C2 EDO V . -7.21 24.28 -3.29
O2 EDO V . -7.63 23.54 -4.43
N1 IMD W . -5.16 31.21 -5.00
C2 IMD W . -5.52 31.15 -3.70
N3 IMD W . -4.53 31.72 -2.96
C4 IMD W . -3.55 32.14 -3.79
C5 IMD W . -3.95 31.81 -5.09
N1 IMD X . -19.43 15.73 2.17
C2 IMD X . -19.59 16.73 3.07
N3 IMD X . -18.38 17.20 3.42
C4 IMD X . -17.44 16.51 2.74
C5 IMD X . -18.11 15.58 1.95
N1 IMD Y . -8.29 49.12 -8.99
C2 IMD Y . -7.23 48.36 -9.38
N3 IMD Y . -6.78 48.83 -10.57
C4 IMD Y . -7.54 49.90 -10.92
C5 IMD Y . -8.49 50.07 -9.92
#